data_8YX2
#
_entry.id   8YX2
#
_cell.length_a   60.632
_cell.length_b   98.322
_cell.length_c   145.686
_cell.angle_alpha   90.00
_cell.angle_beta   90.00
_cell.angle_gamma   90.00
#
_symmetry.space_group_name_H-M   'P 21 21 21'
#
loop_
_entity.id
_entity.type
_entity.pdbx_description
1 polymer 'Papain-like protease nsp3'
2 non-polymer 'ZINC ION'
3 non-polymer ~{N}-[1-(1,2-dihydroacenaphthylen-5-yl)cyclopropyl]-2-methyl-5-(4-methylpiperazin-1-yl)benzamide
4 water water
#
_entity_poly.entity_id   1
_entity_poly.type   'polypeptide(L)'
_entity_poly.pdbx_seq_one_letter_code
;GEVRTIKVFTTVDNINLHTQVVDMSMTYGQQFGPTYLDGADVTKIKPHNSHEGKTFYVLPNDDTLRVEAFEYYHTTDPSF
LGRYMSALNHTKKWKYPQVNGLTSIKWADNNSYLATALLTLQQIELKFNPPALQDAYYRARAGEAANFCALILAYCNKTV
GELGDVRETMSYLFQHANLDSCKRVLNVVCKTCGQQQTTLKGVEAVMYMGTLSYEQFKKGVQIPCTCGKQATKYLVQQES
PFVMMSAPPAQYELKHGTFTCASEYTGNYQCGHYKHITSKETLYCIDGALLTKSSEYKGPITDVFYKENSYTTTIK
;
_entity_poly.pdbx_strand_id   B,A
#
loop_
_chem_comp.id
_chem_comp.type
_chem_comp.name
_chem_comp.formula
A1LZ5 non-polymer ~{N}-[1-(1,2-dihydroacenaphthylen-5-yl)cyclopropyl]-2-methyl-5-(4-methylpiperazin-1-yl)benzamide 'C28 H31 N3 O'
ZN non-polymer 'ZINC ION' 'Zn 2'
#
# COMPACT_ATOMS: atom_id res chain seq x y z
N GLU A 2 39.29 -17.73 -34.54
CA GLU A 2 38.45 -18.33 -33.51
C GLU A 2 38.72 -17.85 -32.10
N VAL A 3 39.79 -17.06 -31.94
CA VAL A 3 40.01 -16.26 -30.74
C VAL A 3 39.96 -14.80 -31.17
N ARG A 4 38.75 -14.28 -31.41
CA ARG A 4 38.56 -12.84 -31.63
C ARG A 4 38.56 -12.07 -30.30
N THR A 5 38.80 -10.76 -30.39
CA THR A 5 38.73 -9.87 -29.24
C THR A 5 38.10 -8.54 -29.64
N ILE A 6 37.46 -7.89 -28.65
CA ILE A 6 36.98 -6.51 -28.78
C ILE A 6 37.54 -5.69 -27.62
N LYS A 7 37.58 -4.37 -27.82
CA LYS A 7 37.98 -3.41 -26.78
C LYS A 7 36.72 -2.84 -26.16
N VAL A 8 36.66 -2.82 -24.82
CA VAL A 8 35.56 -2.20 -24.09
C VAL A 8 36.11 -1.38 -22.92
N PHE A 9 35.22 -0.60 -22.29
CA PHE A 9 35.56 0.13 -21.07
C PHE A 9 34.89 -0.52 -19.85
N THR A 10 35.63 -0.59 -18.75
CA THR A 10 35.09 -0.96 -17.45
C THR A 10 35.20 0.22 -16.50
N THR A 11 34.38 0.17 -15.47
CA THR A 11 34.20 1.31 -14.59
C THR A 11 33.53 0.83 -13.33
N VAL A 12 33.60 1.64 -12.28
CA VAL A 12 32.74 1.50 -11.12
C VAL A 12 31.87 2.71 -10.88
N ASP A 13 32.09 3.81 -11.59
CA ASP A 13 31.49 5.09 -11.28
C ASP A 13 31.04 5.84 -12.55
N ASN A 14 31.25 5.25 -13.70
CA ASN A 14 30.97 5.85 -14.99
C ASN A 14 31.64 7.22 -15.17
N ILE A 15 32.64 7.53 -14.37
CA ILE A 15 33.41 8.76 -14.55
C ILE A 15 34.89 8.47 -14.82
N ASN A 16 35.47 7.48 -14.20
CA ASN A 16 36.76 6.93 -14.59
C ASN A 16 36.59 5.65 -15.41
N LEU A 17 36.95 5.72 -16.69
CA LEU A 17 36.86 4.57 -17.59
C LEU A 17 38.21 3.87 -17.73
N HIS A 18 38.19 2.54 -17.84
CA HIS A 18 39.42 1.76 -17.98
C HIS A 18 39.29 0.85 -19.19
N THR A 19 40.23 0.98 -20.13
CA THR A 19 40.16 0.21 -21.36
C THR A 19 40.54 -1.24 -21.11
N GLN A 20 39.78 -2.14 -21.70
CA GLN A 20 39.94 -3.57 -21.54
C GLN A 20 39.85 -4.21 -22.91
N VAL A 21 40.70 -5.21 -23.15
CA VAL A 21 40.58 -6.08 -24.30
C VAL A 21 40.00 -7.36 -23.77
N VAL A 22 38.90 -7.81 -24.38
CA VAL A 22 38.14 -8.95 -23.90
C VAL A 22 38.19 -10.04 -24.97
N ASP A 23 38.31 -11.27 -24.50
CA ASP A 23 38.31 -12.47 -25.33
C ASP A 23 36.87 -12.88 -25.62
N MET A 24 36.47 -12.85 -26.89
CA MET A 24 35.08 -13.20 -27.21
C MET A 24 34.78 -14.69 -27.00
N SER A 25 35.78 -15.46 -26.54
CA SER A 25 35.66 -16.89 -26.30
C SER A 25 35.50 -17.21 -24.82
N MET A 26 35.24 -16.21 -24.00
CA MET A 26 35.02 -16.41 -22.58
C MET A 26 33.92 -15.45 -22.17
N THR A 27 33.14 -15.81 -21.15
CA THR A 27 32.16 -14.84 -20.68
C THR A 27 32.85 -13.63 -20.03
N TYR A 28 32.05 -12.62 -19.69
CA TYR A 28 32.58 -11.47 -18.95
C TYR A 28 32.99 -11.87 -17.54
N GLY A 29 32.15 -12.65 -16.87
CA GLY A 29 32.48 -13.13 -15.54
C GLY A 29 33.80 -13.90 -15.47
N GLN A 30 34.17 -14.58 -16.54
CA GLN A 30 35.43 -15.33 -16.49
C GLN A 30 36.62 -14.40 -16.57
N GLN A 31 36.40 -13.16 -17.02
CA GLN A 31 37.47 -12.18 -17.21
C GLN A 31 37.43 -11.07 -16.17
N PHE A 32 36.23 -10.64 -15.80
CA PHE A 32 36.05 -9.50 -14.91
C PHE A 32 35.41 -9.85 -13.59
N GLY A 33 34.82 -11.01 -13.46
CA GLY A 33 33.92 -11.30 -12.36
C GLY A 33 32.55 -10.77 -12.67
N PRO A 34 31.73 -10.55 -11.64
CA PRO A 34 30.42 -9.92 -11.88
C PRO A 34 30.55 -8.64 -12.69
N THR A 35 29.70 -8.51 -13.70
CA THR A 35 29.85 -7.51 -14.74
C THR A 35 28.47 -7.13 -15.24
N TYR A 36 28.27 -5.83 -15.47
CA TYR A 36 26.95 -5.32 -15.85
C TYR A 36 27.01 -4.32 -17.00
N LEU A 37 25.96 -4.34 -17.81
CA LEU A 37 25.78 -3.41 -18.91
C LEU A 37 24.42 -2.75 -18.77
N ASP A 38 24.42 -1.46 -18.42
CA ASP A 38 23.21 -0.65 -18.25
C ASP A 38 22.20 -1.32 -17.32
N GLY A 39 22.69 -1.79 -16.20
CA GLY A 39 21.91 -2.57 -15.27
C GLY A 39 21.92 -4.07 -15.48
N ALA A 40 21.84 -4.53 -16.72
CA ALA A 40 21.65 -5.96 -16.97
C ALA A 40 22.89 -6.77 -16.61
N ASP A 41 22.69 -7.88 -15.88
CA ASP A 41 23.80 -8.76 -15.50
C ASP A 41 24.29 -9.55 -16.72
N VAL A 42 25.57 -9.37 -17.07
CA VAL A 42 26.15 -10.04 -18.22
C VAL A 42 27.33 -10.92 -17.81
N THR A 43 27.42 -11.24 -16.53
CA THR A 43 28.52 -12.08 -16.05
C THR A 43 28.63 -13.41 -16.80
N LYS A 44 27.51 -13.96 -17.26
CA LYS A 44 27.48 -15.27 -17.87
C LYS A 44 27.30 -15.18 -19.39
N ILE A 45 27.24 -13.96 -19.94
CA ILE A 45 27.08 -13.78 -21.37
C ILE A 45 28.46 -13.74 -22.05
N LYS A 46 28.48 -14.07 -23.26
CA LYS A 46 29.70 -13.97 -24.05
C LYS A 46 29.72 -12.67 -24.84
N PRO A 47 30.92 -12.09 -25.06
CA PRO A 47 30.98 -10.85 -25.83
C PRO A 47 30.27 -10.98 -27.18
N HIS A 48 29.84 -9.83 -27.68
CA HIS A 48 29.10 -9.68 -28.92
C HIS A 48 29.77 -8.56 -29.70
N ASN A 49 29.63 -8.60 -31.01
CA ASN A 49 30.27 -7.59 -31.81
C ASN A 49 29.77 -6.19 -31.44
N SER A 50 28.51 -6.07 -31.06
CA SER A 50 27.95 -4.75 -30.76
C SER A 50 28.47 -4.14 -29.46
N HIS A 51 29.19 -4.87 -28.63
CA HIS A 51 29.66 -4.30 -27.38
C HIS A 51 30.96 -3.48 -27.53
N GLU A 52 31.61 -3.52 -28.68
CA GLU A 52 32.85 -2.81 -28.82
C GLU A 52 32.57 -1.34 -28.52
N GLY A 53 33.42 -0.73 -27.71
CA GLY A 53 33.26 0.67 -27.30
C GLY A 53 32.35 0.91 -26.12
N LYS A 54 31.36 0.02 -25.87
CA LYS A 54 30.42 0.19 -24.76
C LYS A 54 31.15 0.15 -23.42
N THR A 55 30.47 0.62 -22.38
CA THR A 55 31.01 0.71 -21.03
C THR A 55 30.32 -0.31 -20.14
N PHE A 56 31.04 -0.84 -19.16
CA PHE A 56 30.58 -1.97 -18.36
C PHE A 56 30.90 -1.68 -16.91
N TYR A 57 29.93 -1.83 -16.02
CA TYR A 57 30.24 -1.76 -14.59
C TYR A 57 30.80 -3.10 -14.12
N VAL A 58 31.78 -3.05 -13.22
CA VAL A 58 32.36 -4.24 -12.64
C VAL A 58 32.58 -3.96 -11.17
N LEU A 59 32.85 -5.01 -10.40
CA LEU A 59 32.99 -4.89 -8.96
C LEU A 59 34.40 -4.47 -8.57
N PRO A 60 34.54 -3.61 -7.57
CA PRO A 60 35.89 -3.27 -7.10
C PRO A 60 36.72 -4.46 -6.61
N ASN A 61 37.59 -4.97 -7.47
CA ASN A 61 38.41 -6.12 -7.17
C ASN A 61 39.89 -5.79 -6.92
N ASP A 62 40.33 -4.56 -7.15
CA ASP A 62 41.68 -4.12 -6.79
C ASP A 62 41.58 -2.84 -5.96
N ASP A 63 42.73 -2.37 -5.45
CA ASP A 63 42.71 -1.21 -4.55
C ASP A 63 42.34 0.07 -5.29
N THR A 64 42.88 0.27 -6.49
CA THR A 64 42.53 1.43 -7.29
C THR A 64 41.02 1.49 -7.52
N LEU A 65 40.40 0.34 -7.74
CA LEU A 65 38.99 0.34 -8.08
C LEU A 65 38.12 0.61 -6.86
N ARG A 66 38.53 0.15 -5.68
CA ARG A 66 37.69 0.43 -4.53
C ARG A 66 37.95 1.83 -3.96
N VAL A 67 39.05 2.46 -4.31
CA VAL A 67 39.19 3.89 -4.02
C VAL A 67 38.19 4.70 -4.84
N GLU A 68 38.18 4.47 -6.15
CA GLU A 68 37.22 5.15 -7.01
C GLU A 68 35.77 4.92 -6.54
N ALA A 69 35.46 3.72 -6.05
CA ALA A 69 34.07 3.41 -5.67
C ALA A 69 33.66 4.15 -4.40
N PHE A 70 34.49 4.07 -3.36
CA PHE A 70 34.22 4.78 -2.11
C PHE A 70 34.14 6.27 -2.35
N GLU A 71 34.98 6.79 -3.25
CA GLU A 71 34.98 8.24 -3.44
C GLU A 71 33.73 8.74 -4.14
N TYR A 72 33.12 7.92 -4.98
CA TYR A 72 31.90 8.28 -5.71
C TYR A 72 30.64 7.97 -4.89
N TYR A 73 30.62 6.84 -4.14
CA TYR A 73 29.38 6.43 -3.45
C TYR A 73 29.41 6.67 -1.93
N HIS A 74 30.60 6.83 -1.35
CA HIS A 74 30.72 7.05 0.09
C HIS A 74 30.20 5.83 0.82
N THR A 75 30.58 4.66 0.33
CA THR A 75 30.26 3.43 1.03
C THR A 75 31.28 2.40 0.62
N THR A 76 31.69 1.56 1.56
CA THR A 76 32.54 0.40 1.32
C THR A 76 31.76 -0.90 1.27
N ASP A 77 30.42 -0.86 1.39
CA ASP A 77 29.60 -2.08 1.33
C ASP A 77 29.78 -2.88 0.05
N PRO A 78 30.37 -4.08 0.13
CA PRO A 78 30.71 -4.79 -1.11
C PRO A 78 29.53 -5.11 -2.01
N SER A 79 28.32 -5.22 -1.45
CA SER A 79 27.15 -5.56 -2.25
C SER A 79 26.49 -4.36 -2.92
N PHE A 80 26.94 -3.14 -2.62
CA PHE A 80 26.19 -1.95 -3.01
C PHE A 80 26.06 -1.85 -4.53
N LEU A 81 27.16 -2.07 -5.25
CA LEU A 81 27.13 -1.96 -6.71
C LEU A 81 26.13 -2.95 -7.32
N GLY A 82 26.19 -4.22 -6.90
CA GLY A 82 25.22 -5.18 -7.40
C GLY A 82 23.77 -4.76 -7.17
N ARG A 83 23.45 -4.33 -5.96
CA ARG A 83 22.07 -3.93 -5.70
C ARG A 83 21.71 -2.72 -6.55
N TYR A 84 22.65 -1.77 -6.72
CA TYR A 84 22.36 -0.60 -7.54
C TYR A 84 22.08 -0.99 -8.98
N MET A 85 22.88 -1.91 -9.53
CA MET A 85 22.65 -2.37 -10.89
C MET A 85 21.30 -3.10 -10.99
N SER A 86 21.04 -4.07 -10.10
CA SER A 86 19.75 -4.76 -10.13
C SER A 86 18.59 -3.76 -10.08
N ALA A 87 18.66 -2.79 -9.16
CA ALA A 87 17.60 -1.80 -9.13
C ALA A 87 17.52 -1.05 -10.47
N LEU A 88 18.68 -0.53 -10.97
CA LEU A 88 18.69 0.29 -12.18
C LEU A 88 18.13 -0.45 -13.38
N ASN A 89 18.40 -1.77 -13.46
CA ASN A 89 17.81 -2.65 -14.49
C ASN A 89 16.29 -2.49 -14.58
N HIS A 90 15.64 -2.27 -13.45
CA HIS A 90 14.20 -1.98 -13.43
C HIS A 90 13.85 -0.51 -13.64
N THR A 91 14.50 0.42 -12.90
CA THR A 91 14.07 1.83 -12.95
C THR A 91 14.35 2.46 -14.31
N LYS A 92 15.27 1.92 -15.09
CA LYS A 92 15.47 2.47 -16.44
C LYS A 92 14.24 2.25 -17.32
N LYS A 93 13.33 1.38 -16.93
CA LYS A 93 12.10 1.19 -17.70
C LYS A 93 10.93 1.97 -17.13
N TRP A 94 11.05 2.53 -15.94
CA TRP A 94 10.03 3.46 -15.47
C TRP A 94 9.91 4.63 -16.41
N LYS A 95 8.79 5.33 -16.34
CA LYS A 95 8.55 6.57 -17.05
C LYS A 95 8.57 7.74 -16.06
N TYR A 96 9.22 8.83 -16.47
CA TYR A 96 9.46 9.97 -15.58
C TYR A 96 8.81 11.22 -16.16
N PRO A 97 7.51 11.27 -16.22
CA PRO A 97 6.87 12.46 -16.78
C PRO A 97 7.16 13.71 -15.95
N GLN A 98 7.27 14.85 -16.66
CA GLN A 98 7.08 16.17 -16.08
C GLN A 98 5.61 16.33 -15.75
N VAL A 99 5.33 16.79 -14.54
CA VAL A 99 3.98 16.92 -14.02
C VAL A 99 4.02 18.17 -13.15
N ASN A 100 3.33 19.24 -13.55
CA ASN A 100 3.34 20.50 -12.78
C ASN A 100 4.75 21.06 -12.59
N GLY A 101 5.57 21.04 -13.65
CA GLY A 101 6.92 21.57 -13.59
C GLY A 101 7.93 20.70 -12.87
N LEU A 102 7.57 19.50 -12.44
CA LEU A 102 8.43 18.65 -11.64
C LEU A 102 8.57 17.29 -12.30
N THR A 103 9.72 16.66 -12.10
CA THR A 103 9.91 15.30 -12.53
C THR A 103 9.18 14.38 -11.57
N SER A 104 8.28 13.55 -12.08
CA SER A 104 7.57 12.55 -11.29
C SER A 104 7.93 11.15 -11.81
N ILE A 105 7.18 10.16 -11.34
CA ILE A 105 7.33 8.78 -11.80
C ILE A 105 5.95 8.17 -12.00
N LYS A 106 5.70 7.65 -13.21
CA LYS A 106 4.52 6.81 -13.40
C LYS A 106 4.55 5.68 -12.38
N TRP A 107 3.37 5.33 -11.85
CA TRP A 107 3.27 4.26 -10.85
C TRP A 107 3.79 2.96 -11.44
N ALA A 108 4.70 2.30 -10.74
CA ALA A 108 5.02 0.91 -11.00
C ALA A 108 5.59 0.34 -9.71
N ASP A 109 5.48 -0.95 -9.56
CA ASP A 109 6.27 -1.66 -8.54
C ASP A 109 6.28 -0.98 -7.18
N ASN A 110 5.13 -0.44 -6.77
CA ASN A 110 4.98 0.22 -5.47
C ASN A 110 5.96 1.39 -5.30
N ASN A 111 6.22 2.13 -6.37
CA ASN A 111 7.14 3.25 -6.28
C ASN A 111 6.47 4.57 -5.94
N SER A 112 5.27 4.56 -5.34
CA SER A 112 4.66 5.84 -5.00
C SER A 112 5.52 6.62 -3.97
N TYR A 113 6.09 5.90 -3.01
CA TYR A 113 6.90 6.61 -2.03
C TYR A 113 8.13 7.25 -2.69
N LEU A 114 8.69 6.61 -3.71
CA LEU A 114 9.87 7.19 -4.34
C LEU A 114 9.49 8.48 -5.07
N ALA A 115 8.41 8.43 -5.86
CA ALA A 115 7.89 9.64 -6.48
C ALA A 115 7.74 10.76 -5.46
N THR A 116 7.03 10.51 -4.35
CA THR A 116 6.81 11.58 -3.38
C THR A 116 8.14 12.12 -2.87
N ALA A 117 9.12 11.25 -2.66
CA ALA A 117 10.43 11.72 -2.22
C ALA A 117 11.06 12.60 -3.29
N LEU A 118 11.04 12.08 -4.49
CA LEU A 118 11.57 12.79 -5.60
C LEU A 118 10.91 14.15 -5.71
N LEU A 119 9.60 14.30 -5.86
CA LEU A 119 8.88 15.56 -5.89
C LEU A 119 9.30 16.49 -4.74
N THR A 120 9.40 15.95 -3.54
CA THR A 120 9.81 16.79 -2.40
C THR A 120 11.22 17.31 -2.58
N LEU A 121 12.14 16.46 -3.06
CA LEU A 121 13.54 16.86 -3.11
C LEU A 121 13.69 18.01 -4.07
N GLN A 122 12.82 18.10 -5.07
CA GLN A 122 12.89 19.20 -6.00
C GLN A 122 12.36 20.50 -5.42
N GLN A 123 11.82 20.49 -4.20
CA GLN A 123 11.19 21.69 -3.66
C GLN A 123 11.93 22.26 -2.45
N ILE A 124 12.97 21.62 -1.99
CA ILE A 124 13.72 22.06 -0.82
C ILE A 124 15.18 22.14 -1.22
N GLU A 125 15.94 22.86 -0.40
CA GLU A 125 17.34 23.15 -0.63
C GLU A 125 18.19 22.10 0.05
N LEU A 126 18.84 21.24 -0.73
CA LEU A 126 19.60 20.14 -0.14
C LEU A 126 20.81 19.84 -1.03
N LYS A 127 21.95 19.63 -0.40
CA LYS A 127 23.20 19.37 -1.12
C LYS A 127 23.76 18.03 -0.63
N PHE A 128 23.81 17.09 -1.55
CA PHE A 128 24.33 15.77 -1.27
C PHE A 128 25.84 15.73 -1.27
N ASN A 129 26.38 14.87 -0.42
CA ASN A 129 27.82 14.71 -0.30
C ASN A 129 28.36 13.70 -1.30
N PRO A 130 27.78 12.51 -1.43
CA PRO A 130 28.31 11.52 -2.40
C PRO A 130 28.16 12.03 -3.84
N PRO A 131 29.26 12.15 -4.58
CA PRO A 131 29.14 12.53 -6.01
C PRO A 131 28.09 11.73 -6.79
N ALA A 132 27.94 10.44 -6.49
CA ALA A 132 26.91 9.63 -7.14
C ALA A 132 25.53 10.28 -7.00
N LEU A 133 25.20 10.73 -5.78
CA LEU A 133 23.89 11.35 -5.55
C LEU A 133 23.81 12.73 -6.16
N GLN A 134 24.94 13.46 -6.18
CA GLN A 134 24.88 14.79 -6.78
C GLN A 134 24.62 14.69 -8.29
N ASP A 135 25.30 13.74 -8.95
CA ASP A 135 25.20 13.68 -10.42
C ASP A 135 23.84 13.15 -10.81
N ALA A 136 23.40 12.06 -10.17
CA ALA A 136 22.09 11.50 -10.44
C ALA A 136 20.99 12.49 -10.13
N TYR A 137 21.14 13.24 -9.03
CA TYR A 137 20.10 14.22 -8.73
C TYR A 137 20.00 15.26 -9.84
N TYR A 138 21.16 15.72 -10.34
CA TYR A 138 21.18 16.68 -11.45
C TYR A 138 20.41 16.12 -12.63
N ARG A 139 20.68 14.85 -12.96
CA ARG A 139 19.96 14.18 -14.04
C ARG A 139 18.47 14.12 -13.77
N ALA A 140 18.12 13.83 -12.50
CA ALA A 140 16.72 13.68 -12.12
C ALA A 140 15.95 14.97 -12.36
N ARG A 141 16.51 16.06 -11.89
CA ARG A 141 15.94 17.38 -12.03
C ARG A 141 15.66 17.66 -13.49
N ALA A 142 16.56 17.18 -14.32
CA ALA A 142 16.48 17.39 -15.77
C ALA A 142 15.36 16.58 -16.44
N GLY A 143 14.97 15.45 -15.84
CA GLY A 143 13.87 14.65 -16.40
C GLY A 143 14.12 13.15 -16.43
N GLU A 144 15.36 12.74 -16.25
CA GLU A 144 15.75 11.34 -16.30
C GLU A 144 16.21 10.89 -14.92
N ALA A 145 15.30 10.31 -14.18
CA ALA A 145 15.56 10.00 -12.79
C ALA A 145 16.02 8.59 -12.53
N ALA A 146 16.22 7.78 -13.57
CA ALA A 146 16.39 6.35 -13.33
C ALA A 146 17.61 6.04 -12.47
N ASN A 147 18.73 6.72 -12.70
CA ASN A 147 19.89 6.43 -11.85
C ASN A 147 19.64 6.87 -10.41
N PHE A 148 18.96 8.01 -10.24
CA PHE A 148 18.70 8.52 -8.89
C PHE A 148 17.81 7.57 -8.10
N CYS A 149 16.71 7.12 -8.71
CA CYS A 149 15.81 6.17 -8.06
C CYS A 149 16.54 4.88 -7.71
N ALA A 150 17.39 4.37 -8.61
CA ALA A 150 18.14 3.17 -8.26
C ALA A 150 19.06 3.41 -7.08
N LEU A 151 19.72 4.57 -7.05
CA LEU A 151 20.66 4.86 -5.97
C LEU A 151 19.95 4.91 -4.62
N ILE A 152 18.73 5.45 -4.60
CA ILE A 152 17.99 5.50 -3.36
C ILE A 152 17.71 4.10 -2.83
N LEU A 153 17.20 3.23 -3.71
CA LEU A 153 16.99 1.84 -3.32
C LEU A 153 18.28 1.22 -2.79
N ALA A 154 19.42 1.47 -3.44
CA ALA A 154 20.66 0.86 -2.97
C ALA A 154 21.11 1.46 -1.66
N TYR A 155 21.01 2.77 -1.52
CA TYR A 155 21.42 3.38 -0.26
C TYR A 155 20.55 2.92 0.89
N CYS A 156 19.32 2.49 0.59
CA CYS A 156 18.34 2.18 1.62
C CYS A 156 18.15 0.69 1.81
N ASN A 157 18.84 -0.15 1.05
CA ASN A 157 18.71 -1.59 1.15
C ASN A 157 17.28 -2.02 0.89
N LYS A 158 16.65 -1.41 -0.08
CA LYS A 158 15.31 -1.77 -0.50
C LYS A 158 15.35 -2.20 -1.95
N THR A 159 14.51 -3.16 -2.29
CA THR A 159 14.47 -3.73 -3.61
C THR A 159 13.25 -3.20 -4.36
N VAL A 160 13.32 -3.34 -5.69
CA VAL A 160 12.21 -2.99 -6.55
C VAL A 160 10.99 -3.79 -6.16
N GLY A 161 9.86 -3.07 -6.04
CA GLY A 161 8.57 -3.68 -5.74
C GLY A 161 8.12 -3.64 -4.29
N GLU A 162 9.02 -3.38 -3.37
CA GLU A 162 8.69 -3.22 -1.97
C GLU A 162 8.29 -1.75 -1.70
N LEU A 163 7.15 -1.55 -1.03
CA LEU A 163 6.73 -0.24 -0.60
C LEU A 163 7.57 0.17 0.61
N GLY A 164 8.15 1.38 0.54
CA GLY A 164 8.95 1.94 1.62
C GLY A 164 8.33 3.20 2.21
N ASP A 165 8.94 3.68 3.30
CA ASP A 165 8.43 4.78 4.09
C ASP A 165 9.13 6.10 3.69
N VAL A 166 8.33 7.09 3.31
CA VAL A 166 8.89 8.36 2.82
C VAL A 166 9.79 9.00 3.88
N ARG A 167 9.29 9.08 5.11
CA ARG A 167 10.06 9.68 6.19
C ARG A 167 11.39 8.97 6.40
N GLU A 168 11.38 7.65 6.41
CA GLU A 168 12.60 6.87 6.61
C GLU A 168 13.56 7.03 5.43
N THR A 169 13.04 7.03 4.24
CA THR A 169 13.87 7.28 3.05
C THR A 169 14.54 8.66 3.10
N MET A 170 13.79 9.69 3.46
CA MET A 170 14.39 11.02 3.52
C MET A 170 15.43 11.08 4.62
N SER A 171 15.19 10.32 5.70
CA SER A 171 16.17 10.28 6.78
C SER A 171 17.47 9.63 6.34
N TYR A 172 17.39 8.58 5.51
CA TYR A 172 18.62 7.96 5.04
C TYR A 172 19.36 8.93 4.15
N LEU A 173 18.62 9.65 3.32
CA LEU A 173 19.25 10.57 2.37
C LEU A 173 19.81 11.80 3.08
N PHE A 174 19.02 12.41 3.98
CA PHE A 174 19.59 13.54 4.71
C PHE A 174 20.92 13.15 5.34
N GLN A 175 21.07 11.87 5.72
CA GLN A 175 22.30 11.37 6.32
C GLN A 175 23.48 11.39 5.34
N HIS A 176 23.21 11.59 4.06
CA HIS A 176 24.25 11.79 3.06
C HIS A 176 24.23 13.20 2.51
N ALA A 177 23.53 14.11 3.14
CA ALA A 177 23.49 15.49 2.68
C ALA A 177 24.27 16.35 3.65
N ASN A 178 24.66 17.53 3.20
CA ASN A 178 25.43 18.44 4.03
C ASN A 178 24.46 19.28 4.84
N LEU A 179 24.21 18.87 6.07
CA LEU A 179 23.35 19.60 7.00
C LEU A 179 24.13 20.09 8.23
N ASP A 180 25.45 20.25 8.10
CA ASP A 180 26.29 20.61 9.25
C ASP A 180 25.80 21.89 9.91
N SER A 181 25.54 22.91 9.11
CA SER A 181 25.16 24.20 9.65
C SER A 181 23.69 24.27 10.10
N CYS A 182 23.01 23.14 10.25
CA CYS A 182 21.62 23.11 10.68
C CYS A 182 21.58 22.95 12.19
N LYS A 183 20.79 23.78 12.84
CA LYS A 183 20.72 23.85 14.29
C LYS A 183 19.28 24.06 14.73
N ARG A 184 18.86 23.27 15.72
CA ARG A 184 17.58 23.41 16.36
C ARG A 184 17.83 23.56 17.85
N VAL A 185 17.01 24.35 18.52
CA VAL A 185 17.11 24.55 19.95
C VAL A 185 15.72 24.36 20.51
N LEU A 186 15.60 23.46 21.51
CA LEU A 186 14.34 23.09 22.13
C LEU A 186 14.38 23.35 23.63
N ASN A 187 13.17 23.51 24.19
CA ASN A 187 12.96 23.77 25.62
C ASN A 187 11.76 22.97 26.12
N VAL A 188 11.96 22.23 27.21
CA VAL A 188 10.92 21.46 27.79
C VAL A 188 10.65 22.01 29.20
N VAL A 189 9.44 22.47 29.46
CA VAL A 189 9.13 23.03 30.75
C VAL A 189 8.07 22.24 31.54
N CYS A 190 8.29 22.10 32.85
CA CYS A 190 7.35 21.40 33.71
C CYS A 190 6.69 22.36 34.70
N LYS A 191 5.55 21.97 35.23
CA LYS A 191 4.91 22.81 36.22
C LYS A 191 5.63 22.60 37.53
N THR A 192 6.04 21.35 37.75
CA THR A 192 6.75 20.94 38.94
C THR A 192 8.27 21.05 38.78
N CYS A 193 8.86 20.34 37.81
CA CYS A 193 10.30 20.48 37.55
C CYS A 193 10.58 21.70 36.64
N GLY A 194 11.82 21.99 36.28
CA GLY A 194 12.06 23.17 35.45
C GLY A 194 12.57 23.05 34.02
N GLN A 195 12.88 24.21 33.47
CA GLN A 195 13.43 24.38 32.13
C GLN A 195 14.54 23.40 31.84
N GLN A 196 14.45 22.61 30.78
CA GLN A 196 15.53 21.71 30.42
C GLN A 196 15.78 21.90 28.95
N GLN A 197 16.65 22.82 28.65
CA GLN A 197 16.98 23.13 27.25
C GLN A 197 17.86 22.07 26.56
N THR A 198 17.61 21.84 25.28
CA THR A 198 18.38 20.86 24.51
C THR A 198 18.76 21.46 23.16
N THR A 199 19.84 20.98 22.57
CA THR A 199 20.29 21.47 21.27
C THR A 199 20.56 20.29 20.33
N LEU A 200 20.18 20.43 19.05
CA LEU A 200 20.38 19.36 18.08
C LEU A 200 21.03 19.91 16.81
N LYS A 201 21.72 19.04 16.08
CA LYS A 201 22.38 19.43 14.84
C LYS A 201 22.36 18.28 13.84
N GLY A 202 22.54 18.60 12.57
CA GLY A 202 22.55 17.59 11.53
C GLY A 202 21.15 17.28 11.02
N VAL A 203 20.83 16.00 10.83
CA VAL A 203 19.51 15.61 10.35
C VAL A 203 18.46 15.62 11.47
N GLU A 204 18.92 15.62 12.72
CA GLU A 204 18.02 15.63 13.86
C GLU A 204 17.41 17.02 14.10
N ALA A 205 18.06 18.04 13.58
CA ALA A 205 17.58 19.42 13.73
C ALA A 205 16.59 19.82 12.64
N VAL A 206 16.41 18.97 11.63
CA VAL A 206 15.48 19.26 10.55
C VAL A 206 14.46 18.14 10.38
N MET A 207 14.15 17.46 11.48
CA MET A 207 13.18 16.37 11.45
C MET A 207 12.42 16.25 12.78
N TYR A 208 11.21 15.71 12.71
CA TYR A 208 10.39 15.53 13.91
C TYR A 208 9.37 14.42 13.66
N MET A 209 8.93 13.76 14.73
CA MET A 209 7.98 12.67 14.61
C MET A 209 6.90 12.78 15.69
N GLY A 210 5.87 13.58 15.43
CA GLY A 210 4.79 13.76 16.37
C GLY A 210 3.63 14.55 15.78
N THR A 211 3.85 15.84 15.57
CA THR A 211 2.82 16.71 15.01
C THR A 211 3.15 17.10 13.58
N LEU A 212 2.12 17.43 12.80
CA LEU A 212 2.31 17.82 11.40
C LEU A 212 2.30 19.33 11.20
N SER A 213 1.92 20.08 12.23
CA SER A 213 1.88 21.54 12.14
C SER A 213 3.18 22.17 12.65
N TYR A 214 3.58 23.29 12.07
CA TYR A 214 4.79 23.98 12.48
C TYR A 214 4.51 24.98 13.60
N GLU A 215 3.35 25.63 13.52
CA GLU A 215 2.95 26.61 14.53
C GLU A 215 2.78 25.93 15.89
N GLN A 216 2.21 24.73 15.87
CA GLN A 216 1.99 23.97 17.10
C GLN A 216 3.32 23.69 17.79
N PHE A 217 4.31 23.30 17.00
CA PHE A 217 5.65 23.01 17.53
C PHE A 217 6.21 24.25 18.23
N LYS A 218 6.07 25.41 17.58
CA LYS A 218 6.56 26.66 18.14
C LYS A 218 5.78 26.99 19.42
N LYS A 219 4.46 26.88 19.34
CA LYS A 219 3.61 27.17 20.48
C LYS A 219 3.92 26.20 21.61
N GLY A 220 3.89 24.90 21.30
CA GLY A 220 4.19 23.88 22.28
C GLY A 220 3.33 22.64 22.13
N VAL A 221 3.82 21.52 22.63
CA VAL A 221 3.11 20.25 22.56
C VAL A 221 3.35 19.46 23.85
N GLN A 222 2.42 18.61 24.24
CA GLN A 222 2.61 17.92 25.49
C GLN A 222 3.28 16.55 25.35
N ILE A 223 4.30 16.28 26.16
CA ILE A 223 5.03 15.05 26.12
C ILE A 223 5.39 14.64 27.54
N PRO A 224 5.59 13.35 27.78
CA PRO A 224 5.95 12.75 29.06
C PRO A 224 7.02 13.52 29.80
N THR A 226 9.60 11.23 32.16
CA THR A 226 9.58 10.65 33.52
C THR A 226 9.37 11.78 34.50
N CYS A 227 9.86 12.96 34.14
CA CYS A 227 9.72 14.15 34.97
C CYS A 227 8.25 14.63 35.12
N GLY A 228 7.70 14.47 36.33
CA GLY A 228 6.34 14.90 36.64
C GLY A 228 5.38 14.08 35.80
N LYS A 229 4.57 14.74 34.97
CA LYS A 229 3.66 14.09 34.03
C LYS A 229 3.30 15.11 32.94
N GLN A 230 3.38 14.73 31.68
CA GLN A 230 3.07 15.61 30.54
C GLN A 230 3.62 17.06 30.56
N ALA A 231 4.91 17.19 30.22
CA ALA A 231 5.57 18.48 30.10
C ALA A 231 5.31 19.09 28.72
N THR A 232 5.76 20.32 28.48
CA THR A 232 5.54 20.94 27.16
C THR A 232 6.84 21.09 26.45
N LYS A 233 6.83 20.88 25.15
CA LYS A 233 8.04 20.98 24.38
C LYS A 233 7.80 22.08 23.38
N TYR A 234 8.67 23.07 23.28
CA TYR A 234 8.50 24.09 22.25
C TYR A 234 9.82 24.51 21.61
N LEU A 235 9.71 24.94 20.35
CA LEU A 235 10.87 25.32 19.54
C LEU A 235 11.41 26.68 19.97
N VAL A 236 12.65 26.71 20.38
CA VAL A 236 13.27 27.97 20.76
C VAL A 236 13.92 28.65 19.56
N GLN A 237 14.80 27.93 18.87
CA GLN A 237 15.45 28.44 17.69
C GLN A 237 15.62 27.39 16.61
N GLN A 238 15.48 27.84 15.35
CA GLN A 238 15.69 26.97 14.21
C GLN A 238 16.52 27.66 13.14
N GLU A 239 17.58 27.02 12.71
CA GLU A 239 18.41 27.53 11.62
C GLU A 239 18.61 26.40 10.64
N SER A 240 17.93 26.48 9.50
CA SER A 240 18.00 25.45 8.48
C SER A 240 17.17 25.93 7.29
N PRO A 241 17.40 25.40 6.09
CA PRO A 241 16.59 25.80 4.94
C PRO A 241 15.19 25.18 4.91
N PHE A 242 14.93 24.17 5.74
CA PHE A 242 13.60 23.54 5.76
C PHE A 242 13.46 22.82 7.09
N VAL A 243 12.21 22.53 7.45
CA VAL A 243 11.95 21.52 8.45
C VAL A 243 10.92 20.50 7.94
N MET A 244 10.97 19.30 8.52
CA MET A 244 10.06 18.21 8.17
C MET A 244 9.30 17.77 9.41
N MET A 245 7.99 17.96 9.38
CA MET A 245 7.12 17.62 10.50
C MET A 245 6.37 16.36 10.10
N SER A 246 6.47 15.31 10.91
CA SER A 246 5.84 14.05 10.58
C SER A 246 5.00 13.54 11.74
N ALA A 247 4.01 12.70 11.39
CA ALA A 247 3.20 12.03 12.37
C ALA A 247 2.48 10.87 11.70
N PRO A 248 2.03 9.90 12.48
CA PRO A 248 1.24 8.81 11.90
C PRO A 248 0.03 9.38 11.19
N PRO A 249 -0.30 8.82 10.03
CA PRO A 249 -1.34 9.41 9.20
C PRO A 249 -2.61 9.70 9.96
N ALA A 250 -3.20 10.86 9.68
CA ALA A 250 -4.43 11.30 10.30
C ALA A 250 -5.03 12.39 9.43
N GLN A 251 -6.34 12.50 9.53
CA GLN A 251 -7.05 13.48 8.74
C GLN A 251 -6.63 14.88 9.16
N TYR A 252 -6.49 15.74 8.17
CA TYR A 252 -5.70 16.95 8.35
C TYR A 252 -5.99 17.92 7.21
N GLU A 253 -6.15 19.19 7.55
CA GLU A 253 -6.50 20.23 6.57
C GLU A 253 -5.25 21.02 6.19
N LEU A 254 -5.04 21.19 4.89
CA LEU A 254 -3.88 21.90 4.39
C LEU A 254 -4.30 23.17 3.68
N LYS A 255 -3.69 24.28 4.03
CA LYS A 255 -4.07 25.59 3.50
C LYS A 255 -2.96 26.19 2.63
N HIS A 256 -3.36 26.67 1.45
CA HIS A 256 -2.47 27.29 0.48
C HIS A 256 -1.65 28.41 1.10
N GLY A 257 -0.34 28.37 0.86
CA GLY A 257 0.56 29.35 1.38
C GLY A 257 1.16 29.03 2.73
N THR A 258 0.62 28.09 3.48
CA THR A 258 1.11 27.82 4.83
C THR A 258 2.04 26.63 4.91
N PHE A 259 2.45 26.07 3.80
CA PHE A 259 3.34 24.91 3.83
C PHE A 259 3.95 24.88 2.45
N THR A 260 4.98 24.07 2.30
CA THR A 260 5.56 23.93 0.98
C THR A 260 5.06 22.65 0.28
N CYS A 261 5.21 21.49 0.91
CA CYS A 261 4.64 20.27 0.35
C CYS A 261 4.49 19.23 1.44
N ALA A 262 3.72 18.17 1.12
CA ALA A 262 3.32 17.17 2.09
C ALA A 262 3.01 15.84 1.43
N SER A 263 3.04 14.78 2.24
CA SER A 263 2.81 13.39 1.82
C SER A 263 1.47 12.91 2.34
N GLU A 264 0.55 12.61 1.43
CA GLU A 264 -0.72 12.00 1.81
C GLU A 264 -0.50 10.49 1.81
N TYR A 265 -0.95 9.79 2.84
CA TYR A 265 -0.87 8.33 2.87
C TYR A 265 -2.26 7.74 3.09
N THR A 266 -2.73 6.91 2.15
CA THR A 266 -3.96 6.16 2.34
C THR A 266 -3.67 4.66 2.39
N GLY A 267 -4.36 3.95 3.30
CA GLY A 267 -4.28 2.51 3.44
C GLY A 267 -3.72 2.12 4.78
N ASN A 268 -3.39 0.85 4.91
CA ASN A 268 -2.81 0.35 6.14
C ASN A 268 -1.29 0.45 6.13
N TYR A 269 -0.73 0.55 7.33
CA TYR A 269 0.69 0.44 7.60
C TYR A 269 1.40 -0.54 6.67
N GLN A 270 2.41 -0.06 5.95
CA GLN A 270 3.30 -0.83 5.11
C GLN A 270 2.66 -1.44 3.89
N CYS A 271 1.43 -1.10 3.56
CA CYS A 271 0.81 -1.66 2.36
C CYS A 271 -0.20 -0.69 1.76
N GLY A 272 0.05 0.60 1.89
CA GLY A 272 -0.86 1.65 1.47
C GLY A 272 -0.42 2.29 0.17
N HIS A 273 -0.59 3.61 0.11
CA HIS A 273 -0.31 4.38 -1.09
C HIS A 273 -0.06 5.85 -0.75
N TYR A 274 1.03 6.40 -1.27
CA TYR A 274 1.34 7.81 -1.08
C TYR A 274 0.88 8.64 -2.26
N LYS A 275 0.40 9.83 -1.98
CA LYS A 275 0.36 10.92 -2.95
C LYS A 275 1.06 12.14 -2.35
N HIS A 276 1.35 13.12 -3.21
CA HIS A 276 2.21 14.25 -2.89
C HIS A 276 1.39 15.52 -3.11
N ILE A 277 1.28 16.34 -2.09
CA ILE A 277 0.52 17.59 -2.16
C ILE A 277 1.50 18.77 -2.11
N THR A 278 1.44 19.64 -3.11
CA THR A 278 2.31 20.79 -3.22
C THR A 278 1.50 22.09 -3.25
N SER A 279 2.05 23.12 -2.63
CA SER A 279 1.46 24.46 -2.60
C SER A 279 2.22 25.42 -3.52
N LYS A 280 1.58 25.79 -4.64
CA LYS A 280 2.12 26.73 -5.59
C LYS A 280 1.17 27.95 -5.64
N GLU A 281 0.57 28.24 -6.81
CA GLU A 281 -0.49 29.23 -6.87
C GLU A 281 -1.81 28.69 -6.33
N THR A 282 -1.97 27.37 -6.35
CA THR A 282 -3.10 26.69 -5.72
C THR A 282 -2.56 25.39 -5.16
N LEU A 283 -3.43 24.62 -4.50
CA LEU A 283 -3.02 23.32 -3.99
C LEU A 283 -3.10 22.28 -5.09
N TYR A 284 -2.00 21.60 -5.34
CA TYR A 284 -1.98 20.52 -6.30
C TYR A 284 -1.83 19.17 -5.59
N CYS A 285 -2.34 18.14 -6.21
CA CYS A 285 -2.11 16.75 -5.81
C CYS A 285 -1.47 15.98 -6.96
N ILE A 286 -0.21 15.59 -6.78
CA ILE A 286 0.53 14.82 -7.78
C ILE A 286 0.60 13.36 -7.34
N ASP A 287 -0.06 12.52 -8.08
CA ASP A 287 -0.15 11.09 -7.81
C ASP A 287 0.57 10.40 -8.97
N GLY A 288 1.89 10.26 -8.84
CA GLY A 288 2.70 9.66 -9.88
C GLY A 288 2.54 10.46 -11.14
N ALA A 289 1.86 9.91 -12.12
CA ALA A 289 1.67 10.53 -13.42
C ALA A 289 0.37 11.29 -13.54
N LEU A 290 -0.38 11.42 -12.45
CA LEU A 290 -1.71 12.02 -12.50
C LEU A 290 -1.71 13.28 -11.66
N LEU A 291 -2.39 14.33 -12.15
CA LEU A 291 -2.39 15.65 -11.54
C LEU A 291 -3.81 16.13 -11.32
N THR A 292 -4.13 16.56 -10.10
CA THR A 292 -5.40 17.24 -9.86
C THR A 292 -5.23 18.53 -9.06
N LYS A 293 -6.14 19.48 -9.28
CA LYS A 293 -6.08 20.75 -8.57
C LYS A 293 -7.22 20.91 -7.59
N SER A 294 -6.95 21.62 -6.50
CA SER A 294 -8.02 22.07 -5.63
C SER A 294 -7.57 23.35 -4.94
N SER A 295 -8.55 24.10 -4.45
CA SER A 295 -8.29 25.29 -3.66
C SER A 295 -8.12 24.95 -2.20
N GLU A 296 -8.68 23.82 -1.78
CA GLU A 296 -8.52 23.35 -0.42
C GLU A 296 -8.22 21.86 -0.46
N TYR A 297 -7.95 21.32 0.72
CA TYR A 297 -7.53 19.94 0.86
C TYR A 297 -7.83 19.51 2.29
N LYS A 298 -8.51 18.36 2.44
CA LYS A 298 -8.63 17.65 3.71
C LYS A 298 -8.33 16.19 3.42
N GLY A 299 -7.38 15.62 4.14
CA GLY A 299 -6.94 14.28 3.84
C GLY A 299 -5.99 13.74 4.87
N PRO A 300 -5.68 12.41 4.75
CA PRO A 300 -4.74 11.73 5.66
C PRO A 300 -3.30 12.08 5.29
N ILE A 301 -2.68 12.94 6.09
CA ILE A 301 -1.35 13.47 5.83
C ILE A 301 -0.43 12.85 6.86
N THR A 302 0.82 12.59 6.45
CA THR A 302 1.76 12.00 7.38
C THR A 302 3.10 12.69 7.38
N ASP A 303 3.42 13.50 6.34
CA ASP A 303 4.53 14.44 6.45
C ASP A 303 4.16 15.81 5.85
N VAL A 304 4.80 16.86 6.36
CA VAL A 304 4.63 18.22 5.83
C VAL A 304 5.98 18.94 5.88
N PHE A 305 6.40 19.46 4.74
CA PHE A 305 7.63 20.23 4.69
C PHE A 305 7.32 21.71 4.67
N TYR A 306 7.96 22.45 5.57
CA TYR A 306 7.93 23.91 5.59
C TYR A 306 9.34 24.43 5.29
N LYS A 307 9.40 25.48 4.49
CA LYS A 307 10.66 26.16 4.25
C LYS A 307 10.96 27.07 5.43
N GLU A 308 12.22 27.38 5.64
CA GLU A 308 12.67 28.10 6.83
C GLU A 308 13.99 28.77 6.47
N ASN A 309 14.41 29.74 7.31
CA ASN A 309 15.78 30.20 7.28
C ASN A 309 16.25 30.35 8.72
N SER A 310 15.65 31.28 9.47
CA SER A 310 16.00 31.48 10.86
C SER A 310 14.77 31.87 11.63
N TYR A 311 14.47 31.10 12.68
CA TYR A 311 13.33 31.34 13.53
C TYR A 311 13.81 31.52 14.96
N THR A 312 13.25 32.52 15.63
CA THR A 312 13.56 32.76 17.05
C THR A 312 12.24 33.02 17.77
N THR A 313 12.05 32.29 18.87
CA THR A 313 10.79 32.34 19.60
C THR A 313 10.62 33.71 20.26
N THR A 314 9.37 34.04 20.60
CA THR A 314 9.07 35.17 21.44
C THR A 314 8.66 34.78 22.86
N ILE A 315 8.26 33.52 23.06
CA ILE A 315 7.82 33.02 24.35
C ILE A 315 8.76 33.44 25.46
N GLU B 2 -49.03 -4.04 37.70
CA GLU B 2 -48.84 -5.17 36.82
C GLU B 2 -48.83 -4.93 35.31
N VAL B 3 -48.93 -3.68 34.87
CA VAL B 3 -48.56 -3.31 33.51
C VAL B 3 -47.42 -2.31 33.59
N ARG B 4 -46.20 -2.81 33.83
CA ARG B 4 -44.99 -1.99 33.72
C ARG B 4 -44.55 -1.84 32.26
N THR B 5 -43.85 -0.73 31.97
CA THR B 5 -43.26 -0.52 30.66
C THR B 5 -41.83 -0.02 30.80
N ILE B 6 -41.07 -0.17 29.69
CA ILE B 6 -39.76 0.46 29.54
C ILE B 6 -39.71 1.17 28.18
N LYS B 7 -38.75 2.09 28.05
CA LYS B 7 -38.47 2.77 26.79
C LYS B 7 -37.24 2.12 26.18
N VAL B 8 -37.34 1.71 24.92
CA VAL B 8 -36.19 1.19 24.17
C VAL B 8 -36.13 1.87 22.82
N PHE B 9 -35.04 1.62 22.10
CA PHE B 9 -34.93 2.07 20.73
C PHE B 9 -34.98 0.90 19.76
N THR B 10 -35.62 1.11 18.62
CA THR B 10 -35.61 0.16 17.52
C THR B 10 -34.99 0.81 16.30
N THR B 11 -34.54 -0.04 15.38
CA THR B 11 -33.73 0.43 14.26
C THR B 11 -33.68 -0.70 13.25
N VAL B 12 -33.44 -0.34 12.00
CA VAL B 12 -33.03 -1.32 11.01
C VAL B 12 -31.58 -1.16 10.60
N ASP B 13 -30.90 -0.09 11.02
CA ASP B 13 -29.57 0.24 10.54
C ASP B 13 -28.59 0.70 11.62
N ASN B 14 -29.06 0.90 12.84
CA ASN B 14 -28.29 1.41 13.97
C ASN B 14 -27.75 2.83 13.74
N ILE B 15 -28.31 3.58 12.81
CA ILE B 15 -27.93 4.97 12.60
C ILE B 15 -29.14 5.89 12.76
N ASN B 16 -30.29 5.45 12.30
CA ASN B 16 -31.58 6.01 12.69
C ASN B 16 -32.25 5.20 13.80
N LEU B 17 -32.29 5.78 15.01
CA LEU B 17 -32.97 5.19 16.15
C LEU B 17 -34.39 5.73 16.30
N HIS B 18 -35.32 4.83 16.65
CA HIS B 18 -36.74 5.15 16.83
C HIS B 18 -37.21 4.72 18.21
N THR B 19 -37.62 5.70 19.02
CA THR B 19 -37.99 5.41 20.40
C THR B 19 -39.31 4.64 20.46
N GLN B 20 -39.38 3.66 21.36
CA GLN B 20 -40.57 2.85 21.56
C GLN B 20 -40.83 2.70 23.06
N VAL B 21 -42.10 2.49 23.41
CA VAL B 21 -42.50 2.04 24.74
C VAL B 21 -42.92 0.60 24.61
N VAL B 22 -42.43 -0.24 25.51
CA VAL B 22 -42.64 -1.67 25.43
C VAL B 22 -43.39 -2.10 26.68
N ASP B 23 -44.54 -2.75 26.50
CA ASP B 23 -45.28 -3.41 27.55
C ASP B 23 -44.44 -4.56 28.01
N MET B 24 -44.17 -4.71 29.31
CA MET B 24 -43.40 -5.83 29.81
C MET B 24 -44.21 -7.09 29.98
N SER B 25 -45.53 -6.96 29.82
CA SER B 25 -46.44 -8.03 29.82
C SER B 25 -46.95 -8.34 28.43
N MET B 26 -46.01 -8.48 27.47
CA MET B 26 -46.16 -8.91 26.07
C MET B 26 -44.71 -9.23 25.58
N THR B 27 -44.45 -10.19 24.70
CA THR B 27 -43.06 -10.44 24.25
C THR B 27 -42.65 -9.47 23.14
N TYR B 28 -41.39 -9.35 22.73
CA TYR B 28 -41.10 -8.36 21.69
C TYR B 28 -41.79 -8.76 20.38
N GLY B 29 -41.82 -10.07 20.10
CA GLY B 29 -42.49 -10.54 18.89
C GLY B 29 -43.89 -9.98 18.75
N GLN B 30 -44.59 -9.85 19.86
CA GLN B 30 -45.99 -9.45 19.79
C GLN B 30 -46.16 -7.96 19.57
N GLN B 31 -45.15 -7.16 19.91
CA GLN B 31 -45.18 -5.72 19.69
C GLN B 31 -44.42 -5.30 18.44
N PHE B 32 -43.43 -6.10 18.02
CA PHE B 32 -42.49 -5.65 17.01
C PHE B 32 -42.25 -6.64 15.87
N GLY B 33 -42.88 -7.80 15.91
CA GLY B 33 -42.51 -8.85 15.00
C GLY B 33 -41.12 -9.34 15.34
N PRO B 34 -40.46 -9.99 14.39
CA PRO B 34 -39.06 -10.41 14.60
C PRO B 34 -38.17 -9.28 15.08
N THR B 35 -37.42 -9.57 16.14
CA THR B 35 -36.69 -8.57 16.90
C THR B 35 -35.40 -9.17 17.39
N TYR B 36 -34.33 -8.37 17.44
CA TYR B 36 -33.01 -8.85 17.84
C TYR B 36 -32.28 -7.82 18.69
N LEU B 37 -31.47 -8.33 19.60
CA LEU B 37 -30.64 -7.50 20.48
C LEU B 37 -29.20 -8.00 20.35
N ASP B 38 -28.34 -7.17 19.77
CA ASP B 38 -26.93 -7.48 19.55
C ASP B 38 -26.75 -8.88 18.99
N GLY B 39 -27.52 -9.18 17.96
CA GLY B 39 -27.53 -10.48 17.30
C GLY B 39 -28.55 -11.50 17.76
N ALA B 40 -28.87 -11.50 19.05
CA ALA B 40 -29.70 -12.53 19.64
C ALA B 40 -31.19 -12.34 19.32
N ASP B 41 -31.84 -13.44 18.98
CA ASP B 41 -33.25 -13.43 18.66
C ASP B 41 -34.05 -13.32 19.96
N VAL B 42 -34.81 -12.23 20.09
CA VAL B 42 -35.60 -11.99 21.28
C VAL B 42 -37.09 -11.95 20.98
N THR B 43 -37.50 -12.42 19.81
CA THR B 43 -38.90 -12.38 19.43
C THR B 43 -39.80 -13.06 20.44
N LYS B 44 -39.29 -14.11 21.10
CA LYS B 44 -40.06 -14.89 22.05
C LYS B 44 -39.71 -14.60 23.50
N ILE B 45 -39.00 -13.50 23.78
CA ILE B 45 -38.58 -13.14 25.14
C ILE B 45 -39.42 -11.97 25.63
N LYS B 46 -39.60 -11.89 26.92
CA LYS B 46 -40.30 -10.75 27.48
C LYS B 46 -39.30 -9.70 27.92
N PRO B 47 -39.67 -8.41 27.89
CA PRO B 47 -38.77 -7.37 28.37
C PRO B 47 -38.21 -7.63 29.77
N HIS B 48 -36.94 -7.27 29.96
CA HIS B 48 -36.23 -7.28 31.21
C HIS B 48 -35.99 -5.84 31.66
N ASN B 49 -35.85 -5.64 32.97
CA ASN B 49 -35.56 -4.30 33.47
C ASN B 49 -34.27 -3.75 32.85
N SER B 50 -33.30 -4.60 32.57
CA SER B 50 -32.01 -4.12 32.08
C SER B 50 -32.05 -3.62 30.64
N HIS B 51 -33.16 -3.80 29.93
CA HIS B 51 -33.22 -3.45 28.54
C HIS B 51 -33.56 -1.99 28.31
N GLU B 52 -34.05 -1.26 29.32
CA GLU B 52 -34.35 0.14 29.12
C GLU B 52 -33.10 0.82 28.55
N GLY B 53 -33.31 1.68 27.56
CA GLY B 53 -32.23 2.36 26.90
C GLY B 53 -31.59 1.59 25.76
N LYS B 54 -31.57 0.25 25.82
CA LYS B 54 -30.87 -0.55 24.81
C LYS B 54 -31.52 -0.35 23.45
N THR B 55 -30.80 -0.77 22.40
CA THR B 55 -31.24 -0.69 21.02
C THR B 55 -31.50 -2.07 20.46
N PHE B 56 -32.61 -2.20 19.72
CA PHE B 56 -33.06 -3.45 19.15
C PHE B 56 -33.24 -3.33 17.64
N TYR B 57 -32.71 -4.29 16.88
CA TYR B 57 -33.01 -4.35 15.45
C TYR B 57 -34.38 -4.98 15.27
N VAL B 58 -35.16 -4.50 14.29
CA VAL B 58 -36.43 -5.10 13.90
C VAL B 58 -36.46 -5.17 12.40
N LEU B 59 -37.49 -5.82 11.87
CA LEU B 59 -37.64 -5.98 10.40
C LEU B 59 -38.38 -4.79 9.81
N PRO B 60 -38.00 -4.31 8.63
CA PRO B 60 -38.77 -3.23 8.00
C PRO B 60 -40.19 -3.69 7.79
N ASN B 61 -41.13 -3.15 8.58
CA ASN B 61 -42.55 -3.51 8.50
C ASN B 61 -43.42 -2.28 8.19
N ASP B 62 -42.82 -1.24 7.61
CA ASP B 62 -43.58 -0.13 7.03
C ASP B 62 -42.65 0.65 6.11
N ASP B 63 -43.25 1.53 5.31
CA ASP B 63 -42.50 2.14 4.22
C ASP B 63 -41.33 2.98 4.72
N THR B 64 -41.52 3.69 5.83
CA THR B 64 -40.41 4.49 6.34
C THR B 64 -39.22 3.61 6.66
N LEU B 65 -39.49 2.44 7.24
CA LEU B 65 -38.40 1.59 7.73
C LEU B 65 -37.71 0.87 6.59
N ARG B 66 -38.44 0.47 5.56
CA ARG B 66 -37.76 -0.27 4.52
C ARG B 66 -37.06 0.65 3.54
N VAL B 67 -37.38 1.94 3.57
CA VAL B 67 -36.53 2.94 2.93
C VAL B 67 -35.19 3.06 3.67
N GLU B 68 -35.26 3.22 4.99
CA GLU B 68 -34.01 3.29 5.76
C GLU B 68 -33.17 2.04 5.52
N ALA B 69 -33.82 0.87 5.38
CA ALA B 69 -33.06 -0.39 5.22
C ALA B 69 -32.47 -0.51 3.81
N PHE B 70 -33.21 -0.10 2.78
CA PHE B 70 -32.68 -0.14 1.42
C PHE B 70 -31.49 0.80 1.28
N GLU B 71 -31.56 1.96 1.91
CA GLU B 71 -30.52 2.96 1.74
C GLU B 71 -29.27 2.57 2.47
N TYR B 72 -29.39 1.81 3.56
CA TYR B 72 -28.21 1.38 4.30
C TYR B 72 -27.58 0.09 3.73
N TYR B 73 -28.38 -0.81 3.17
CA TYR B 73 -27.85 -2.11 2.75
C TYR B 73 -27.82 -2.33 1.25
N HIS B 74 -28.57 -1.55 0.47
CA HIS B 74 -28.65 -1.74 -0.97
C HIS B 74 -29.15 -3.15 -1.28
N THR B 75 -30.21 -3.54 -0.60
CA THR B 75 -30.88 -4.79 -0.88
C THR B 75 -32.31 -4.71 -0.34
N THR B 76 -33.25 -5.24 -1.11
CA THR B 76 -34.65 -5.31 -0.73
C THR B 76 -35.03 -6.68 -0.19
N ASP B 77 -34.08 -7.61 -0.10
CA ASP B 77 -34.36 -8.99 0.32
C ASP B 77 -34.95 -9.04 1.72
N PRO B 78 -36.18 -9.55 1.88
CA PRO B 78 -36.82 -9.50 3.21
C PRO B 78 -36.09 -10.35 4.21
N SER B 79 -35.38 -11.39 3.77
CA SER B 79 -34.68 -12.29 4.67
C SER B 79 -33.34 -11.77 5.15
N PHE B 80 -32.85 -10.69 4.53
CA PHE B 80 -31.47 -10.27 4.74
C PHE B 80 -31.20 -9.97 6.22
N LEU B 81 -32.04 -9.11 6.84
CA LEU B 81 -31.77 -8.69 8.21
C LEU B 81 -31.59 -9.88 9.15
N GLY B 82 -32.51 -10.84 9.06
CA GLY B 82 -32.44 -12.00 9.92
C GLY B 82 -31.15 -12.77 9.77
N ARG B 83 -30.73 -13.01 8.53
CA ARG B 83 -29.48 -13.75 8.33
C ARG B 83 -28.29 -12.97 8.89
N TYR B 84 -28.30 -11.64 8.73
CA TYR B 84 -27.20 -10.82 9.26
C TYR B 84 -27.12 -10.92 10.77
N MET B 85 -28.25 -10.91 11.45
CA MET B 85 -28.22 -11.02 12.90
C MET B 85 -27.86 -12.43 13.33
N SER B 86 -28.43 -13.45 12.67
CA SER B 86 -28.05 -14.82 12.98
C SER B 86 -26.55 -14.98 12.90
N ALA B 87 -25.95 -14.55 11.79
CA ALA B 87 -24.50 -14.59 11.69
C ALA B 87 -23.84 -13.79 12.81
N LEU B 88 -24.32 -12.54 13.03
CA LEU B 88 -23.66 -11.65 13.98
C LEU B 88 -23.64 -12.25 15.37
N ASN B 89 -24.67 -13.02 15.71
CA ASN B 89 -24.72 -13.72 16.99
C ASN B 89 -23.51 -14.64 17.19
N HIS B 90 -22.97 -15.20 16.11
CA HIS B 90 -21.75 -15.99 16.19
C HIS B 90 -20.49 -15.14 16.03
N THR B 91 -20.47 -14.23 15.06
CA THR B 91 -19.20 -13.54 14.78
C THR B 91 -18.82 -12.53 15.86
N LYS B 92 -19.77 -12.13 16.71
CA LYS B 92 -19.40 -11.33 17.88
C LYS B 92 -18.62 -12.13 18.90
N LYS B 93 -18.60 -13.47 18.78
CA LYS B 93 -17.84 -14.28 19.70
C LYS B 93 -16.46 -14.60 19.17
N TRP B 94 -16.25 -14.44 17.86
CA TRP B 94 -14.92 -14.59 17.31
C TRP B 94 -13.96 -13.56 17.90
N LYS B 95 -12.66 -13.82 17.68
CA LYS B 95 -11.55 -12.98 18.10
C LYS B 95 -10.86 -12.46 16.86
N TYR B 96 -10.46 -11.20 16.94
CA TYR B 96 -9.98 -10.43 15.80
C TYR B 96 -8.63 -9.87 16.13
N PRO B 97 -7.63 -10.72 16.31
CA PRO B 97 -6.28 -10.22 16.63
C PRO B 97 -5.70 -9.40 15.47
N GLN B 98 -4.99 -8.34 15.84
CA GLN B 98 -4.05 -7.71 14.92
C GLN B 98 -2.87 -8.68 14.75
N VAL B 99 -2.45 -8.87 13.52
CA VAL B 99 -1.38 -9.81 13.20
C VAL B 99 -0.64 -9.15 12.05
N ASN B 100 0.66 -8.94 12.19
CA ASN B 100 1.45 -8.27 11.15
C ASN B 100 0.78 -6.96 10.67
N GLY B 101 0.22 -6.23 11.62
CA GLY B 101 -0.37 -4.93 11.35
C GLY B 101 -1.73 -4.96 10.69
N LEU B 102 -2.39 -6.11 10.70
CA LEU B 102 -3.66 -6.30 10.01
C LEU B 102 -4.66 -6.94 10.96
N THR B 103 -5.93 -6.63 10.75
CA THR B 103 -6.97 -7.34 11.50
C THR B 103 -7.16 -8.72 10.88
N SER B 104 -6.89 -9.76 11.64
CA SER B 104 -7.19 -11.12 11.21
C SER B 104 -8.35 -11.67 12.04
N ILE B 105 -8.58 -13.00 11.95
CA ILE B 105 -9.59 -13.68 12.75
C ILE B 105 -8.99 -14.97 13.28
N LYS B 106 -9.13 -15.24 14.57
CA LYS B 106 -8.79 -16.56 15.09
C LYS B 106 -9.71 -17.63 14.49
N TRP B 107 -9.15 -18.79 14.18
CA TRP B 107 -9.92 -19.80 13.46
C TRP B 107 -11.13 -20.23 14.26
N ALA B 108 -12.26 -20.36 13.58
CA ALA B 108 -13.45 -20.95 14.16
C ALA B 108 -14.45 -21.14 13.04
N ASP B 109 -15.27 -22.17 13.18
CA ASP B 109 -16.42 -22.37 12.30
C ASP B 109 -16.03 -22.22 10.81
N ASN B 110 -14.89 -22.80 10.44
CA ASN B 110 -14.42 -22.78 9.07
C ASN B 110 -14.26 -21.37 8.51
N ASN B 111 -13.85 -20.42 9.34
CA ASN B 111 -13.81 -19.03 8.90
C ASN B 111 -12.48 -18.66 8.27
N SER B 112 -11.70 -19.64 7.80
CA SER B 112 -10.41 -19.24 7.24
C SER B 112 -10.57 -18.44 5.92
N TYR B 113 -11.64 -18.72 5.15
CA TYR B 113 -11.79 -18.00 3.90
C TYR B 113 -12.06 -16.53 4.16
N LEU B 114 -12.75 -16.24 5.28
CA LEU B 114 -13.09 -14.87 5.65
C LEU B 114 -11.84 -14.14 6.12
N ALA B 115 -11.13 -14.74 7.08
CA ALA B 115 -9.82 -14.22 7.44
C ALA B 115 -9.10 -13.80 6.17
N THR B 116 -8.93 -14.71 5.20
CA THR B 116 -8.13 -14.41 4.00
C THR B 116 -8.71 -13.25 3.22
N ALA B 117 -10.03 -13.20 3.06
CA ALA B 117 -10.64 -12.04 2.41
C ALA B 117 -10.38 -10.75 3.18
N LEU B 118 -10.52 -10.79 4.51
CA LEU B 118 -10.36 -9.59 5.33
C LEU B 118 -8.93 -9.07 5.29
N LEU B 119 -7.93 -9.95 5.42
CA LEU B 119 -6.57 -9.49 5.22
C LEU B 119 -6.42 -8.81 3.85
N THR B 120 -7.06 -9.40 2.83
CA THR B 120 -6.83 -8.92 1.47
C THR B 120 -7.42 -7.54 1.26
N LEU B 121 -8.60 -7.29 1.83
CA LEU B 121 -9.25 -5.99 1.66
C LEU B 121 -8.45 -4.92 2.35
N GLN B 122 -7.80 -5.23 3.45
CA GLN B 122 -6.94 -4.23 4.07
C GLN B 122 -5.72 -3.86 3.24
N GLN B 123 -5.50 -4.50 2.09
CA GLN B 123 -4.30 -4.26 1.33
C GLN B 123 -4.54 -3.66 -0.06
N ILE B 124 -5.78 -3.45 -0.45
CA ILE B 124 -6.08 -2.95 -1.78
C ILE B 124 -7.09 -1.82 -1.67
N GLU B 125 -7.14 -1.00 -2.72
CA GLU B 125 -7.95 0.22 -2.72
C GLU B 125 -9.38 -0.13 -3.12
N LEU B 126 -10.30 -0.12 -2.18
CA LEU B 126 -11.68 -0.47 -2.49
C LEU B 126 -12.68 0.43 -1.78
N LYS B 127 -13.73 0.80 -2.51
CA LYS B 127 -14.73 1.77 -2.06
C LYS B 127 -16.09 1.08 -2.19
N PHE B 128 -16.70 0.81 -1.05
CA PHE B 128 -18.02 0.16 -1.02
C PHE B 128 -19.10 1.23 -1.19
N ASN B 129 -20.15 0.87 -1.84
CA ASN B 129 -21.32 1.67 -2.10
C ASN B 129 -22.34 1.56 -0.96
N PRO B 130 -22.63 0.37 -0.44
CA PRO B 130 -23.61 0.28 0.67
C PRO B 130 -23.02 0.78 1.97
N PRO B 131 -23.69 1.76 2.61
CA PRO B 131 -23.13 2.33 3.85
C PRO B 131 -22.88 1.29 4.93
N ALA B 132 -23.69 0.25 4.99
CA ALA B 132 -23.42 -0.82 5.93
C ALA B 132 -22.03 -1.38 5.75
N LEU B 133 -21.61 -1.60 4.51
CA LEU B 133 -20.28 -2.19 4.28
C LEU B 133 -19.21 -1.20 4.66
N GLN B 134 -19.36 0.07 4.24
CA GLN B 134 -18.28 1.04 4.50
C GLN B 134 -18.08 1.24 5.99
N ASP B 135 -19.17 1.40 6.75
CA ASP B 135 -19.03 1.59 8.19
C ASP B 135 -18.46 0.34 8.85
N ALA B 136 -18.96 -0.85 8.46
CA ALA B 136 -18.37 -2.08 8.98
C ALA B 136 -16.89 -2.20 8.62
N TYR B 137 -16.52 -1.83 7.40
CA TYR B 137 -15.11 -1.94 7.00
C TYR B 137 -14.21 -1.08 7.87
N TYR B 138 -14.61 0.18 8.11
CA TYR B 138 -13.83 1.07 9.00
C TYR B 138 -13.66 0.41 10.36
N ARG B 139 -14.78 -0.08 10.93
CA ARG B 139 -14.75 -0.78 12.21
C ARG B 139 -13.81 -1.98 12.15
N ALA B 140 -13.88 -2.75 11.07
CA ALA B 140 -12.98 -3.88 10.88
C ALA B 140 -11.52 -3.45 10.82
N ARG B 141 -11.21 -2.47 10.01
CA ARG B 141 -9.85 -2.01 9.87
C ARG B 141 -9.27 -1.55 11.20
N ALA B 142 -10.14 -1.04 12.07
CA ALA B 142 -9.81 -0.63 13.40
C ALA B 142 -9.66 -1.72 14.45
N GLY B 143 -9.92 -2.97 14.12
CA GLY B 143 -9.78 -4.04 15.07
C GLY B 143 -11.01 -4.81 15.42
N GLU B 144 -12.19 -4.31 15.13
CA GLU B 144 -13.41 -5.01 15.49
C GLU B 144 -14.23 -5.33 14.24
N ALA B 145 -14.19 -6.56 13.76
CA ALA B 145 -14.74 -6.89 12.46
C ALA B 145 -16.01 -7.71 12.53
N ALA B 146 -16.63 -7.82 13.71
CA ALA B 146 -17.75 -8.77 13.83
C ALA B 146 -18.90 -8.36 12.91
N ASN B 147 -19.16 -7.07 12.80
CA ASN B 147 -20.23 -6.65 11.91
C ASN B 147 -19.87 -6.89 10.43
N PHE B 148 -18.61 -6.55 10.03
CA PHE B 148 -18.14 -6.80 8.65
C PHE B 148 -18.28 -8.27 8.28
N CYS B 149 -17.73 -9.15 9.11
CA CYS B 149 -17.85 -10.59 8.86
C CYS B 149 -19.30 -11.06 8.76
N ALA B 150 -20.15 -10.63 9.70
CA ALA B 150 -21.55 -11.00 9.59
C ALA B 150 -22.16 -10.49 8.29
N LEU B 151 -21.78 -9.29 7.83
CA LEU B 151 -22.39 -8.74 6.64
C LEU B 151 -21.93 -9.49 5.39
N ILE B 152 -20.66 -9.89 5.36
CA ILE B 152 -20.20 -10.69 4.24
C ILE B 152 -21.02 -11.96 4.13
N LEU B 153 -21.19 -12.66 5.24
CA LEU B 153 -22.01 -13.88 5.24
C LEU B 153 -23.42 -13.60 4.70
N ALA B 154 -24.02 -12.47 5.09
CA ALA B 154 -25.39 -12.19 4.65
C ALA B 154 -25.45 -11.84 3.17
N TYR B 155 -24.59 -10.93 2.72
CA TYR B 155 -24.61 -10.62 1.29
C TYR B 155 -24.36 -11.84 0.44
N CYS B 156 -23.51 -12.77 0.93
CA CYS B 156 -23.12 -13.95 0.16
C CYS B 156 -24.01 -15.16 0.42
N ASN B 157 -25.02 -15.00 1.28
CA ASN B 157 -25.98 -16.07 1.54
C ASN B 157 -25.30 -17.32 2.08
N LYS B 158 -24.28 -17.13 2.89
CA LYS B 158 -23.60 -18.23 3.55
C LYS B 158 -23.91 -18.18 5.05
N THR B 159 -23.91 -19.37 5.65
CA THR B 159 -24.12 -19.51 7.09
C THR B 159 -22.80 -19.75 7.81
N VAL B 160 -22.81 -19.46 9.12
CA VAL B 160 -21.68 -19.76 9.96
C VAL B 160 -21.42 -21.25 9.95
N GLY B 161 -20.15 -21.63 9.92
CA GLY B 161 -19.77 -23.02 9.90
C GLY B 161 -19.56 -23.59 8.53
N GLU B 162 -19.95 -22.87 7.49
CA GLU B 162 -19.79 -23.33 6.12
C GLU B 162 -18.54 -22.70 5.49
N LEU B 163 -17.68 -23.53 4.91
CA LEU B 163 -16.49 -23.01 4.22
C LEU B 163 -16.85 -22.45 2.85
N GLY B 164 -16.47 -21.19 2.61
CA GLY B 164 -16.74 -20.52 1.37
C GLY B 164 -15.47 -20.36 0.53
N ASP B 165 -15.65 -19.94 -0.71
CA ASP B 165 -14.58 -19.77 -1.68
C ASP B 165 -14.20 -18.29 -1.77
N VAL B 166 -12.89 -18.03 -1.68
CA VAL B 166 -12.44 -16.65 -1.53
C VAL B 166 -12.68 -15.85 -2.79
N ARG B 167 -12.34 -16.41 -3.95
CA ARG B 167 -12.66 -15.78 -5.21
C ARG B 167 -14.15 -15.45 -5.33
N GLU B 168 -15.03 -16.42 -5.07
CA GLU B 168 -16.46 -16.12 -5.23
C GLU B 168 -16.90 -15.06 -4.21
N THR B 169 -16.36 -15.14 -3.01
CA THR B 169 -16.62 -14.18 -1.96
C THR B 169 -16.18 -12.79 -2.39
N MET B 170 -14.98 -12.67 -2.94
CA MET B 170 -14.49 -11.40 -3.41
C MET B 170 -15.34 -10.93 -4.56
N SER B 171 -15.72 -11.83 -5.45
CA SER B 171 -16.60 -11.51 -6.56
C SER B 171 -17.80 -10.80 -6.07
N TYR B 172 -18.46 -11.36 -5.09
CA TYR B 172 -19.72 -10.84 -4.57
C TYR B 172 -19.51 -9.42 -4.06
N LEU B 173 -18.52 -9.24 -3.18
CA LEU B 173 -18.26 -7.91 -2.65
C LEU B 173 -17.94 -6.89 -3.74
N PHE B 174 -17.08 -7.25 -4.70
CA PHE B 174 -16.76 -6.29 -5.76
C PHE B 174 -18.04 -5.78 -6.42
N GLN B 175 -19.11 -6.57 -6.45
CA GLN B 175 -20.35 -6.08 -7.03
C GLN B 175 -20.97 -4.95 -6.21
N HIS B 176 -20.52 -4.77 -4.97
CA HIS B 176 -20.99 -3.67 -4.13
C HIS B 176 -19.90 -2.61 -3.93
N ALA B 177 -18.89 -2.62 -4.78
CA ALA B 177 -17.81 -1.65 -4.72
C ALA B 177 -17.91 -0.80 -5.96
N ASN B 178 -17.44 0.44 -5.86
CA ASN B 178 -17.41 1.31 -7.03
C ASN B 178 -16.15 0.93 -7.80
N LEU B 179 -16.35 0.17 -8.90
CA LEU B 179 -15.32 -0.14 -9.88
C LEU B 179 -15.72 0.29 -11.29
N ASP B 180 -16.56 1.34 -11.36
CA ASP B 180 -17.09 1.81 -12.63
C ASP B 180 -15.99 2.13 -13.62
N SER B 181 -15.03 2.93 -13.18
CA SER B 181 -13.92 3.33 -14.04
C SER B 181 -12.94 2.20 -14.37
N CYS B 182 -13.05 1.03 -13.77
CA CYS B 182 -12.07 0.01 -14.08
C CYS B 182 -12.26 -0.52 -15.49
N LYS B 183 -11.14 -0.75 -16.18
CA LYS B 183 -11.12 -1.05 -17.60
C LYS B 183 -10.01 -2.03 -17.91
N ARG B 184 -10.29 -3.01 -18.76
CA ARG B 184 -9.28 -3.95 -19.23
C ARG B 184 -9.46 -4.15 -20.72
N VAL B 185 -8.37 -4.14 -21.46
CA VAL B 185 -8.38 -4.39 -22.90
C VAL B 185 -7.52 -5.64 -23.15
N LEU B 186 -8.11 -6.61 -23.88
CA LEU B 186 -7.52 -7.89 -24.17
C LEU B 186 -7.53 -8.10 -25.67
N ASN B 187 -6.46 -8.74 -26.15
CA ASN B 187 -6.27 -9.16 -27.53
C ASN B 187 -6.11 -10.67 -27.61
N VAL B 188 -6.76 -11.29 -28.59
CA VAL B 188 -6.58 -12.71 -28.93
C VAL B 188 -6.07 -12.82 -30.36
N VAL B 189 -4.86 -13.33 -30.55
CA VAL B 189 -4.24 -13.38 -31.87
C VAL B 189 -4.04 -14.81 -32.32
N CYS B 190 -4.52 -15.11 -33.54
CA CYS B 190 -4.18 -16.33 -34.25
C CYS B 190 -3.46 -15.99 -35.56
N LYS B 191 -2.63 -16.93 -36.02
CA LYS B 191 -1.86 -16.73 -37.25
C LYS B 191 -2.72 -16.87 -38.50
N THR B 192 -3.90 -17.47 -38.41
CA THR B 192 -4.84 -17.59 -39.51
C THR B 192 -6.10 -16.75 -39.28
N CYS B 193 -6.88 -17.04 -38.24
CA CYS B 193 -8.14 -16.31 -38.04
C CYS B 193 -7.92 -14.88 -37.57
N GLY B 194 -6.78 -14.57 -36.99
CA GLY B 194 -6.34 -13.18 -36.85
C GLY B 194 -6.64 -12.56 -35.49
N GLN B 195 -6.33 -11.26 -35.43
CA GLN B 195 -6.44 -10.49 -34.19
C GLN B 195 -7.89 -10.16 -33.83
N GLN B 196 -8.17 -10.19 -32.53
CA GLN B 196 -9.49 -9.87 -32.00
C GLN B 196 -9.34 -9.26 -30.62
N GLN B 197 -9.87 -8.05 -30.45
CA GLN B 197 -9.77 -7.31 -29.22
C GLN B 197 -11.11 -7.23 -28.50
N THR B 198 -11.07 -7.20 -27.17
CA THR B 198 -12.30 -7.02 -26.39
C THR B 198 -12.05 -6.09 -25.19
N THR B 199 -13.10 -5.43 -24.74
CA THR B 199 -13.01 -4.53 -23.61
C THR B 199 -13.96 -4.95 -22.51
N LEU B 200 -13.45 -5.07 -21.29
CA LEU B 200 -14.23 -5.34 -20.09
C LEU B 200 -14.16 -4.15 -19.13
N LYS B 201 -15.20 -4.08 -18.29
CA LYS B 201 -15.33 -2.99 -17.32
C LYS B 201 -15.87 -3.55 -16.02
N GLY B 202 -15.66 -2.78 -14.95
CA GLY B 202 -16.21 -3.24 -13.69
C GLY B 202 -15.46 -4.46 -13.17
N VAL B 203 -16.20 -5.32 -12.48
CA VAL B 203 -15.57 -6.44 -11.82
C VAL B 203 -14.94 -7.43 -12.82
N GLU B 204 -15.47 -7.53 -14.03
CA GLU B 204 -14.83 -8.37 -15.03
C GLU B 204 -13.45 -7.83 -15.37
N ALA B 205 -13.17 -6.54 -15.12
CA ALA B 205 -11.89 -5.97 -15.49
C ALA B 205 -10.81 -6.20 -14.45
N VAL B 206 -11.12 -6.70 -13.26
CA VAL B 206 -10.11 -6.89 -12.24
C VAL B 206 -9.96 -8.34 -11.82
N MET B 207 -10.67 -9.30 -12.40
CA MET B 207 -10.56 -10.67 -11.96
C MET B 207 -10.31 -11.57 -13.17
N TYR B 208 -9.46 -12.57 -13.02
CA TYR B 208 -9.17 -13.48 -14.10
C TYR B 208 -9.07 -14.90 -13.54
N MET B 209 -9.64 -15.87 -14.24
CA MET B 209 -9.58 -17.25 -13.81
C MET B 209 -8.76 -18.01 -14.84
N GLY B 210 -7.69 -18.66 -14.47
CA GLY B 210 -6.88 -19.36 -15.44
C GLY B 210 -5.38 -19.32 -15.20
N THR B 211 -4.91 -18.25 -14.63
CA THR B 211 -3.49 -18.14 -14.32
C THR B 211 -3.29 -17.19 -13.17
N LEU B 212 -2.28 -17.49 -12.38
CA LEU B 212 -1.94 -16.69 -11.24
C LEU B 212 -1.00 -15.57 -11.60
N SER B 213 -0.28 -15.67 -12.70
CA SER B 213 0.83 -14.77 -12.96
C SER B 213 0.34 -13.58 -13.78
N TYR B 214 0.54 -12.37 -13.23
CA TYR B 214 0.24 -11.15 -13.97
C TYR B 214 1.21 -10.99 -15.14
N GLU B 215 2.48 -11.35 -14.93
CA GLU B 215 3.43 -11.28 -16.05
C GLU B 215 3.01 -12.19 -17.20
N GLN B 216 2.64 -13.45 -16.90
CA GLN B 216 2.24 -14.34 -17.99
C GLN B 216 1.09 -13.72 -18.80
N PHE B 217 0.07 -13.20 -18.11
CA PHE B 217 -1.04 -12.50 -18.74
C PHE B 217 -0.56 -11.37 -19.63
N LYS B 218 0.48 -10.64 -19.22
CA LYS B 218 1.02 -9.59 -20.07
C LYS B 218 1.78 -10.17 -21.25
N LYS B 219 2.46 -11.28 -21.06
CA LYS B 219 3.22 -11.88 -22.14
C LYS B 219 2.37 -12.65 -23.09
N GLY B 220 1.31 -13.24 -22.61
CA GLY B 220 0.44 -14.04 -23.45
C GLY B 220 0.28 -15.42 -22.86
N VAL B 221 -0.98 -15.87 -22.78
CA VAL B 221 -1.31 -17.22 -22.35
C VAL B 221 -1.93 -17.93 -23.54
N GLN B 222 -1.70 -19.26 -23.65
CA GLN B 222 -2.28 -20.06 -24.73
C GLN B 222 -3.66 -20.52 -24.37
N ILE B 223 -4.60 -20.36 -25.32
CA ILE B 223 -5.96 -20.83 -25.14
C ILE B 223 -6.43 -21.42 -26.47
N PRO B 224 -7.41 -22.31 -26.42
CA PRO B 224 -7.86 -22.97 -27.66
C PRO B 224 -8.57 -22.00 -28.60
N CYS B 225 -8.18 -22.02 -29.88
CA CYS B 225 -8.94 -21.36 -30.94
C CYS B 225 -9.47 -22.37 -31.95
N THR B 226 -10.40 -21.87 -32.76
CA THR B 226 -11.19 -22.65 -33.70
C THR B 226 -10.43 -23.06 -34.94
N CYS B 227 -9.28 -22.44 -35.24
CA CYS B 227 -8.31 -23.12 -36.10
C CYS B 227 -8.01 -24.48 -35.45
N GLY B 228 -7.26 -25.33 -36.13
CA GLY B 228 -6.58 -26.41 -35.41
C GLY B 228 -5.54 -25.88 -34.44
N LYS B 229 -5.05 -24.67 -34.70
CA LYS B 229 -4.00 -24.06 -33.91
C LYS B 229 -4.56 -23.47 -32.62
N GLN B 230 -3.66 -23.14 -31.71
CA GLN B 230 -4.02 -22.41 -30.50
C GLN B 230 -3.63 -20.95 -30.67
N ALA B 231 -4.29 -20.10 -29.88
CA ALA B 231 -4.08 -18.67 -29.97
C ALA B 231 -3.53 -18.12 -28.66
N THR B 232 -3.08 -16.88 -28.73
CA THR B 232 -2.46 -16.21 -27.60
C THR B 232 -3.37 -15.07 -27.13
N LYS B 233 -3.79 -15.10 -25.88
CA LYS B 233 -4.54 -14.04 -25.32
C LYS B 233 -3.53 -13.24 -24.50
N TYR B 234 -3.45 -11.92 -24.69
CA TYR B 234 -2.58 -11.12 -23.84
C TYR B 234 -3.29 -9.83 -23.48
N LEU B 235 -2.81 -9.23 -22.39
CA LEU B 235 -3.33 -7.96 -21.87
C LEU B 235 -2.79 -6.77 -22.65
N VAL B 236 -3.70 -5.98 -23.20
CA VAL B 236 -3.30 -4.81 -23.97
C VAL B 236 -3.25 -3.55 -23.09
N GLN B 237 -4.22 -3.35 -22.22
CA GLN B 237 -4.30 -2.18 -21.35
C GLN B 237 -5.11 -2.57 -20.12
N GLN B 238 -4.64 -2.04 -18.97
CA GLN B 238 -5.31 -2.24 -17.70
C GLN B 238 -5.38 -0.94 -16.92
N GLU B 239 -6.58 -0.52 -16.55
CA GLU B 239 -6.77 0.63 -15.68
C GLU B 239 -7.64 0.19 -14.51
N SER B 240 -7.04 0.15 -13.31
CA SER B 240 -7.67 -0.30 -12.08
C SER B 240 -6.65 -0.22 -10.96
N PRO B 241 -7.10 -0.04 -9.70
CA PRO B 241 -6.16 -0.03 -8.56
C PRO B 241 -5.56 -1.40 -8.26
N PHE B 242 -6.13 -2.47 -8.81
CA PHE B 242 -5.60 -3.79 -8.52
C PHE B 242 -6.11 -4.76 -9.56
N VAL B 243 -5.47 -5.92 -9.60
CA VAL B 243 -6.01 -7.06 -10.34
C VAL B 243 -5.97 -8.29 -9.46
N MET B 244 -6.96 -9.15 -9.59
CA MET B 244 -6.98 -10.47 -8.96
C MET B 244 -6.82 -11.56 -10.03
N MET B 245 -5.71 -12.30 -9.96
CA MET B 245 -5.42 -13.43 -10.85
C MET B 245 -5.67 -14.71 -10.07
N SER B 246 -6.50 -15.59 -10.60
CA SER B 246 -6.86 -16.79 -9.85
C SER B 246 -6.77 -18.03 -10.73
N ALA B 247 -6.55 -19.18 -10.09
CA ALA B 247 -6.56 -20.46 -10.79
C ALA B 247 -6.83 -21.60 -9.79
N PRO B 248 -7.30 -22.74 -10.28
CA PRO B 248 -7.37 -23.88 -9.39
C PRO B 248 -6.03 -24.07 -8.71
N PRO B 249 -6.03 -24.54 -7.46
CA PRO B 249 -4.77 -24.56 -6.70
C PRO B 249 -3.75 -25.49 -7.30
N ALA B 250 -2.48 -25.03 -7.24
CA ALA B 250 -1.31 -25.71 -7.77
C ALA B 250 -0.09 -25.15 -7.04
N GLN B 251 0.91 -25.99 -6.85
CA GLN B 251 2.19 -25.52 -6.35
C GLN B 251 2.67 -24.33 -7.15
N TYR B 252 3.24 -23.35 -6.47
CA TYR B 252 3.54 -22.06 -7.05
C TYR B 252 4.61 -21.39 -6.19
N GLU B 253 5.54 -20.72 -6.86
CA GLU B 253 6.60 -19.99 -6.17
C GLU B 253 6.21 -18.51 -6.11
N LEU B 254 6.29 -17.91 -4.92
CA LEU B 254 5.97 -16.49 -4.74
C LEU B 254 7.22 -15.75 -4.31
N LYS B 255 7.58 -14.72 -5.05
CA LYS B 255 8.79 -13.95 -4.81
C LYS B 255 8.47 -12.60 -4.15
N HIS B 256 9.19 -12.31 -3.09
CA HIS B 256 9.13 -11.00 -2.45
C HIS B 256 9.22 -9.88 -3.47
N GLY B 257 8.30 -8.93 -3.37
CA GLY B 257 8.32 -7.77 -4.20
C GLY B 257 7.45 -7.84 -5.43
N THR B 258 7.07 -9.04 -5.86
CA THR B 258 6.43 -9.20 -7.16
C THR B 258 4.91 -9.34 -7.08
N PHE B 259 4.32 -9.27 -5.90
CA PHE B 259 2.88 -9.40 -5.73
C PHE B 259 2.56 -8.66 -4.46
N THR B 260 1.26 -8.45 -4.24
CA THR B 260 0.84 -7.85 -3.00
C THR B 260 0.49 -8.93 -1.99
N CYS B 261 -0.56 -9.70 -2.24
CA CYS B 261 -0.89 -10.83 -1.37
C CYS B 261 -1.49 -11.99 -2.16
N ALA B 262 -1.58 -13.14 -1.51
CA ALA B 262 -2.04 -14.37 -2.13
C ALA B 262 -2.77 -15.25 -1.15
N SER B 263 -3.57 -16.17 -1.72
CA SER B 263 -4.38 -17.15 -1.00
C SER B 263 -3.79 -18.54 -1.19
N GLU B 264 -3.38 -19.18 -0.10
CA GLU B 264 -2.92 -20.55 -0.14
C GLU B 264 -4.12 -21.42 0.20
N TYR B 265 -4.33 -22.46 -0.58
CA TYR B 265 -5.38 -23.44 -0.30
C TYR B 265 -4.79 -24.83 -0.25
N THR B 266 -4.93 -25.50 0.88
CA THR B 266 -4.60 -26.90 1.02
C THR B 266 -5.84 -27.77 1.30
N GLY B 267 -5.88 -28.99 0.71
CA GLY B 267 -7.00 -29.90 0.87
C GLY B 267 -7.84 -30.04 -0.37
N ASN B 268 -9.02 -30.58 -0.18
CA ASN B 268 -9.89 -30.93 -1.28
C ASN B 268 -10.90 -29.82 -1.51
N TYR B 269 -11.42 -29.79 -2.74
CA TYR B 269 -12.54 -28.95 -3.14
C TYR B 269 -13.59 -28.80 -2.03
N GLN B 270 -13.82 -27.55 -1.62
CA GLN B 270 -14.90 -27.21 -0.72
C GLN B 270 -14.76 -27.76 0.68
N CYS B 271 -13.56 -28.22 1.09
CA CYS B 271 -13.46 -28.72 2.45
C CYS B 271 -12.05 -28.64 2.94
N GLY B 272 -11.29 -27.71 2.38
CA GLY B 272 -9.92 -27.51 2.69
C GLY B 272 -9.64 -26.44 3.73
N HIS B 273 -8.52 -25.74 3.55
CA HIS B 273 -8.13 -24.67 4.46
C HIS B 273 -7.36 -23.57 3.73
N TYR B 274 -7.72 -22.33 4.00
CA TYR B 274 -7.06 -21.17 3.40
C TYR B 274 -6.06 -20.57 4.37
N LYS B 275 -4.90 -20.18 3.83
CA LYS B 275 -3.99 -19.25 4.49
C LYS B 275 -3.73 -18.04 3.58
N HIS B 276 -3.09 -17.01 4.14
CA HIS B 276 -2.95 -15.70 3.49
C HIS B 276 -1.49 -15.33 3.49
N ILE B 277 -0.93 -15.15 2.31
CA ILE B 277 0.47 -14.78 2.18
C ILE B 277 0.53 -13.31 1.75
N THR B 278 1.32 -12.52 2.47
CA THR B 278 1.48 -11.10 2.15
C THR B 278 2.96 -10.76 1.97
N SER B 279 3.22 -9.83 1.07
CA SER B 279 4.58 -9.35 0.79
C SER B 279 4.77 -7.93 1.34
N LYS B 280 5.59 -7.81 2.40
CA LYS B 280 5.95 -6.52 2.98
C LYS B 280 7.45 -6.35 2.86
N GLU B 281 8.17 -6.28 3.99
CA GLU B 281 9.63 -6.31 3.87
C GLU B 281 10.15 -7.73 3.60
N THR B 282 9.34 -8.72 3.93
CA THR B 282 9.60 -10.12 3.61
C THR B 282 8.23 -10.78 3.46
N LEU B 283 8.23 -12.07 3.14
CA LEU B 283 6.99 -12.82 3.03
C LEU B 283 6.49 -13.20 4.41
N TYR B 284 5.22 -12.94 4.67
CA TYR B 284 4.56 -13.40 5.88
C TYR B 284 3.42 -14.33 5.49
N CYS B 285 3.25 -15.43 6.25
CA CYS B 285 2.08 -16.30 6.15
C CYS B 285 1.15 -16.07 7.35
N ILE B 286 -0.01 -15.46 7.11
CA ILE B 286 -0.97 -15.19 8.17
C ILE B 286 -2.04 -16.29 8.13
N ASP B 287 -2.10 -17.09 9.18
CA ASP B 287 -2.98 -18.25 9.29
C ASP B 287 -3.89 -18.00 10.47
N GLY B 288 -4.98 -17.31 10.21
CA GLY B 288 -5.88 -16.93 11.28
C GLY B 288 -5.13 -16.11 12.32
N ALA B 289 -4.82 -16.68 13.47
CA ALA B 289 -4.15 -16.00 14.57
C ALA B 289 -2.64 -16.23 14.60
N LEU B 290 -2.12 -17.10 13.74
CA LEU B 290 -0.72 -17.47 13.75
C LEU B 290 -0.03 -16.77 12.60
N LEU B 291 1.23 -16.35 12.84
CA LEU B 291 2.09 -15.69 11.87
C LEU B 291 3.35 -16.50 11.64
N THR B 292 3.85 -16.49 10.41
CA THR B 292 5.17 -17.06 10.17
C THR B 292 5.88 -16.26 9.08
N LYS B 293 7.21 -16.24 9.15
CA LYS B 293 8.01 -15.54 8.17
C LYS B 293 8.87 -16.47 7.34
N SER B 294 9.24 -16.00 6.15
CA SER B 294 10.21 -16.68 5.31
C SER B 294 10.61 -15.75 4.17
N SER B 295 11.81 -16.02 3.63
CA SER B 295 12.33 -15.29 2.48
C SER B 295 11.72 -15.79 1.19
N GLU B 296 11.42 -17.07 1.15
CA GLU B 296 10.84 -17.70 -0.02
C GLU B 296 9.55 -18.40 0.40
N TYR B 297 8.84 -18.89 -0.62
CA TYR B 297 7.55 -19.53 -0.42
C TYR B 297 7.30 -20.35 -1.68
N LYS B 298 7.00 -21.63 -1.48
CA LYS B 298 6.51 -22.55 -2.52
C LYS B 298 5.29 -23.17 -1.86
N GLY B 299 4.16 -23.17 -2.54
CA GLY B 299 2.95 -23.67 -1.93
C GLY B 299 1.77 -23.65 -2.87
N PRO B 300 0.66 -24.36 -2.46
CA PRO B 300 -0.54 -24.41 -3.31
C PRO B 300 -1.31 -23.10 -3.28
N ILE B 301 -1.28 -22.36 -4.37
CA ILE B 301 -1.80 -21.00 -4.44
C ILE B 301 -2.98 -21.03 -5.38
N THR B 302 -4.01 -20.26 -5.07
CA THR B 302 -5.19 -20.23 -5.90
C THR B 302 -5.66 -18.84 -6.21
N ASP B 303 -5.24 -17.81 -5.45
CA ASP B 303 -5.41 -16.45 -5.94
C ASP B 303 -4.17 -15.60 -5.65
N VAL B 304 -3.90 -14.65 -6.54
CA VAL B 304 -2.81 -13.69 -6.32
C VAL B 304 -3.30 -12.28 -6.68
N PHE B 305 -3.03 -11.33 -5.79
CA PHE B 305 -3.38 -9.92 -5.97
C PHE B 305 -2.16 -9.06 -6.27
N TYR B 306 -2.23 -8.30 -7.34
CA TYR B 306 -1.19 -7.33 -7.68
C TYR B 306 -1.81 -5.94 -7.74
N LYS B 307 -1.14 -4.97 -7.10
CA LYS B 307 -1.51 -3.57 -7.27
C LYS B 307 -1.20 -3.11 -8.69
N GLU B 308 -1.98 -2.16 -9.16
CA GLU B 308 -1.91 -1.61 -10.50
C GLU B 308 -2.33 -0.13 -10.43
N ASN B 309 -2.13 0.58 -11.54
CA ASN B 309 -2.78 1.86 -11.77
C ASN B 309 -3.15 1.93 -13.24
N SER B 310 -2.13 2.03 -14.12
CA SER B 310 -2.35 2.06 -15.57
C SER B 310 -1.25 1.26 -16.25
N TYR B 311 -1.64 0.21 -16.98
CA TYR B 311 -0.70 -0.60 -17.74
C TYR B 311 -1.01 -0.48 -19.22
N THR B 312 0.03 -0.28 -20.03
CA THR B 312 -0.07 -0.37 -21.49
C THR B 312 1.04 -1.25 -22.09
N THR B 313 0.59 -2.27 -22.85
CA THR B 313 1.51 -3.22 -23.44
C THR B 313 2.48 -2.51 -24.42
N THR B 314 3.64 -3.13 -24.62
CA THR B 314 4.54 -2.79 -25.72
C THR B 314 4.49 -3.80 -26.85
N ILE B 315 3.69 -4.83 -26.75
CA ILE B 315 3.71 -5.89 -27.77
C ILE B 315 3.31 -5.32 -29.14
ZN ZN C . 15.60 29.23 2.48
ZN ZN D . 8.36 17.07 35.24
C02 A1LZ5 E . 4.29 3.03 6.61
C03 A1LZ5 E . 5.39 2.19 6.18
C04 A1LZ5 E . 6.38 1.73 7.02
C05 A1LZ5 E . 7.49 0.95 6.65
C07 A1LZ5 E . 9.91 0.40 7.23
C08 A1LZ5 E . 10.89 -0.04 8.39
C10 A1LZ5 E . 11.52 0.08 10.74
C11 A1LZ5 E . 9.27 0.39 10.10
C12 A1LZ5 E . 8.18 0.73 9.09
C13 A1LZ5 E . 7.58 0.67 5.26
C14 A1LZ5 E . 6.60 1.13 4.37
C15 A1LZ5 E . 5.50 1.91 4.82
C16 A1LZ5 E . 4.43 2.48 3.88
C18 A1LZ5 E . 3.45 5.27 7.49
C19 A1LZ5 E . 2.71 5.81 6.27
C20 A1LZ5 E . 3.66 6.69 7.20
C21 A1LZ5 E . 2.62 4.93 8.63
C22 A1LZ5 E . 2.80 4.88 10.00
C23 A1LZ5 E . 3.90 5.26 10.73
C24 A1LZ5 E . 3.96 5.16 12.17
C25 A1LZ5 E . 2.99 4.69 13.08
C26 A1LZ5 E . 2.00 4.32 12.23
C27 A1LZ5 E . 0.78 3.80 13.02
C28 A1LZ5 E . -0.15 3.52 11.73
C29 A1LZ5 E . 1.91 4.40 10.91
C30 A1LZ5 E . 0.62 3.91 10.45
C31 A1LZ5 E . 0.48 3.96 9.15
C32 A1LZ5 E . 1.41 4.42 8.21
N06 A1LZ5 E . 8.45 0.44 7.60
N09 A1LZ5 E . 10.63 0.64 9.67
N17 A1LZ5 E . 4.51 4.31 7.16
O01 A1LZ5 E . 3.16 2.74 6.34
C02 A1LZ5 F . -13.06 -24.35 -3.18
C03 A1LZ5 F . -14.41 -24.05 -2.65
C04 A1LZ5 F . -15.49 -23.92 -3.49
C05 A1LZ5 F . -16.80 -23.60 -3.10
C07 A1LZ5 F . -19.08 -22.73 -3.76
C08 A1LZ5 F . -20.17 -22.74 -4.88
C10 A1LZ5 F . -20.71 -22.55 -7.18
C11 A1LZ5 F . -18.65 -23.48 -6.52
C12 A1LZ5 F . -17.49 -23.55 -5.50
C13 A1LZ5 F . -16.98 -23.33 -1.67
C14 A1LZ5 F . -15.86 -23.44 -0.80
C15 A1LZ5 F . -14.56 -23.76 -1.31
C16 A1LZ5 F . -13.31 -23.83 -0.43
C18 A1LZ5 F . -11.01 -23.69 -4.49
C19 A1LZ5 F . -9.98 -23.64 -3.39
C20 A1LZ5 F . -10.06 -22.49 -4.49
C21 A1LZ5 F . -10.76 -24.74 -5.44
C22 A1LZ5 F . -11.01 -24.99 -6.77
C23 A1LZ5 F . -11.56 -24.12 -7.68
C24 A1LZ5 F . -11.73 -24.46 -9.08
C25 A1LZ5 F . -11.42 -25.70 -9.74
C26 A1LZ5 F . -10.94 -26.48 -8.71
C27 A1LZ5 F . -10.50 -27.88 -9.17
C28 A1LZ5 F . -9.96 -28.38 -7.77
C29 A1LZ5 F . -10.74 -26.17 -7.44
C30 A1LZ5 F . -10.17 -27.33 -6.74
C31 A1LZ5 F . -9.97 -27.07 -5.47
C32 A1LZ5 F . -10.23 -25.84 -4.78
N06 A1LZ5 F . -17.87 -23.58 -4.06
N09 A1LZ5 F . -19.64 -22.48 -6.18
N17 A1LZ5 F . -12.38 -23.50 -4.03
O01 A1LZ5 F . -12.43 -25.32 -2.75
ZN ZN G . -7.15 -19.73 -34.65
ZN ZN H . -2.71 2.81 -7.26
#